data_8QS0
#
_entry.id   8QS0
#
_cell.length_a   52.667
_cell.length_b   147.840
_cell.length_c   81.243
_cell.angle_alpha   90.000
_cell.angle_beta   90.052
_cell.angle_gamma   90.000
#
_symmetry.space_group_name_H-M   'P 1 21 1'
#
loop_
_entity.id
_entity.type
_entity.pdbx_description
1 polymer 'Acyl-acp thioesterase'
2 non-polymer (5~{S})-9-[[2,6-bis(fluoranyl)phenyl]methyl]-3-(3-methylthiophen-2-yl)-1-oxa-2,9-diazaspiro[4.5]dec-2-en-10-one
3 water water
#
_entity_poly.entity_id   1
_entity_poly.type   'polypeptide(L)'
_entity_poly.pdbx_seq_one_letter_code
;MKHHHHHHPMASAATESATATATLEETLAQRLRLGSLEPDGLSYKESFIVRSYEVGVNKTATVETIANLLQEVGCNHAQS
VGFSTDGFATTTTMRLLRLIWVTARMHIEIYKYPAWGDVVEIETWCQEDGKIGTRRDWIIKDYSTGVVIGRATSKWVMMN
QDTRRLQRVNDEVREEYLIFCPRTPRLAFPEEDSDSLKKIPKLEEPAQSSKLGLVPRRADLDMNQHVNNVTYIGWVLESI
PQEIIDTHELQTITLDYRRECQHDDIVDSLSSREFGDTPQNGNHSTGRKEGECQFLHFLKLSGSGLEINRGRTQWRRLAK
;
_entity_poly.pdbx_strand_id   AAA,BBB,CCC,DDD
#
loop_
_chem_comp.id
_chem_comp.type
_chem_comp.name
_chem_comp.formula
WOX non-polymer (5~{S})-9-[[2,6-bis(fluoranyl)phenyl]methyl]-3-(3-methylthiophen-2-yl)-1-oxa-2,9-diazaspiro[4.5]dec-2-en-10-one 'C19 H18 F2 N2 O2 S'
#
# COMPACT_ATOMS: atom_id res chain seq x y z
N LEU A 32 33.23 11.89 -10.00
CA LEU A 32 32.46 11.49 -8.77
C LEU A 32 31.31 10.55 -9.17
N ARG A 33 31.50 9.67 -10.16
CA ARG A 33 30.40 9.01 -10.93
C ARG A 33 29.86 7.78 -10.20
N LEU A 34 30.71 7.02 -9.48
CA LEU A 34 30.43 5.63 -9.02
C LEU A 34 30.02 4.79 -10.25
N GLY A 35 30.83 4.87 -11.32
CA GLY A 35 30.71 4.14 -12.60
C GLY A 35 32.09 3.92 -13.22
N SER A 36 32.54 2.68 -13.38
CA SER A 36 33.98 2.37 -13.60
C SER A 36 34.19 1.03 -14.31
N LEU A 37 35.18 0.97 -15.22
CA LEU A 37 35.78 -0.29 -15.70
C LEU A 37 36.16 -1.15 -14.50
N GLU A 38 36.02 -2.46 -14.62
CA GLU A 38 36.55 -3.45 -13.65
C GLU A 38 38.07 -3.49 -13.76
N PRO A 39 38.77 -4.08 -12.75
CA PRO A 39 40.23 -4.15 -12.73
C PRO A 39 40.83 -4.67 -14.04
N ASP A 40 40.25 -5.74 -14.59
CA ASP A 40 40.75 -6.40 -15.82
C ASP A 40 40.47 -5.52 -17.05
N GLY A 41 39.64 -4.48 -16.92
CA GLY A 41 39.30 -3.53 -18.01
C GLY A 41 38.42 -4.13 -19.11
N LEU A 42 37.74 -5.25 -18.85
CA LEU A 42 36.99 -6.03 -19.89
C LEU A 42 35.48 -5.99 -19.61
N SER A 43 35.05 -5.38 -18.52
CA SER A 43 33.62 -5.15 -18.18
C SER A 43 33.53 -3.86 -17.38
N TYR A 44 32.31 -3.32 -17.27
CA TYR A 44 32.03 -1.98 -16.71
C TYR A 44 30.84 -2.08 -15.76
N LYS A 45 30.93 -1.47 -14.57
CA LYS A 45 29.87 -1.53 -13.55
C LYS A 45 29.44 -0.11 -13.20
N GLU A 46 28.14 0.08 -13.01
CA GLU A 46 27.56 1.38 -12.60
C GLU A 46 26.37 1.10 -11.69
N SER A 47 26.25 1.89 -10.63
CA SER A 47 25.14 1.80 -9.65
C SER A 47 24.18 2.97 -9.85
N PHE A 48 22.91 2.73 -9.58
CA PHE A 48 21.80 3.69 -9.73
C PHE A 48 20.93 3.58 -8.49
N ILE A 49 20.49 4.71 -7.94
CA ILE A 49 19.43 4.79 -6.90
C ILE A 49 18.13 5.05 -7.65
N VAL A 50 17.18 4.11 -7.56
CA VAL A 50 15.87 4.21 -8.27
C VAL A 50 15.13 5.44 -7.73
N ARG A 51 14.58 6.25 -8.63
CA ARG A 51 13.97 7.57 -8.31
C ARG A 51 12.46 7.42 -8.28
N SER A 52 11.78 8.32 -7.55
CA SER A 52 10.32 8.36 -7.37
C SER A 52 9.61 8.29 -8.73
N TYR A 53 10.08 9.06 -9.72
CA TYR A 53 9.41 9.19 -11.04
C TYR A 53 9.71 7.98 -11.94
N GLU A 54 10.60 7.10 -11.52
CA GLU A 54 11.04 5.91 -12.33
C GLU A 54 10.14 4.69 -12.05
N VAL A 55 9.30 4.74 -11.01
CA VAL A 55 8.44 3.59 -10.61
C VAL A 55 7.03 3.78 -11.17
N GLY A 56 6.34 2.68 -11.42
CA GLY A 56 4.95 2.62 -11.91
C GLY A 56 3.98 2.13 -10.84
N VAL A 57 2.82 1.64 -11.28
CA VAL A 57 1.70 1.15 -10.41
C VAL A 57 2.18 0.17 -9.34
N ASN A 58 3.15 -0.70 -9.66
CA ASN A 58 3.64 -1.79 -8.76
C ASN A 58 4.60 -1.24 -7.68
N LYS A 59 4.84 0.08 -7.66
CA LYS A 59 5.76 0.80 -6.72
C LYS A 59 7.21 0.34 -6.95
N THR A 60 7.50 -0.09 -8.18
CA THR A 60 8.83 -0.55 -8.63
C THR A 60 9.14 0.04 -10.01
N ALA A 61 10.42 0.09 -10.36
CA ALA A 61 10.99 0.61 -11.62
C ALA A 61 10.26 0.02 -12.81
N THR A 62 9.81 0.86 -13.72
CA THR A 62 9.17 0.44 -14.99
C THR A 62 10.22 -0.25 -15.86
N VAL A 63 9.77 -1.09 -16.79
CA VAL A 63 10.62 -1.71 -17.85
C VAL A 63 11.40 -0.60 -18.57
N GLU A 64 10.76 0.53 -18.88
CA GLU A 64 11.41 1.68 -19.60
C GLU A 64 12.60 2.20 -18.77
N THR A 65 12.43 2.44 -17.48
CA THR A 65 13.53 2.83 -16.57
C THR A 65 14.69 1.81 -16.70
N ILE A 66 14.38 0.52 -16.61
CA ILE A 66 15.41 -0.55 -16.67
C ILE A 66 16.15 -0.41 -18.00
N ALA A 67 15.40 -0.37 -19.11
CA ALA A 67 15.99 -0.29 -20.47
C ALA A 67 16.91 0.92 -20.53
N ASN A 68 16.49 2.06 -19.99
CA ASN A 68 17.28 3.31 -19.99
C ASN A 68 18.58 3.12 -19.21
N LEU A 69 18.54 2.42 -18.07
CA LEU A 69 19.75 2.17 -17.23
C LEU A 69 20.71 1.24 -17.97
N LEU A 70 20.21 0.22 -18.68
CA LEU A 70 21.05 -0.71 -19.50
C LEU A 70 21.78 0.10 -20.56
N GLN A 71 21.04 0.96 -21.28
CA GLN A 71 21.64 1.86 -22.29
C GLN A 71 22.70 2.75 -21.63
N GLU A 72 22.35 3.36 -20.50
CA GLU A 72 23.25 4.35 -19.83
C GLU A 72 24.60 3.70 -19.58
N VAL A 73 24.60 2.47 -19.05
CA VAL A 73 25.85 1.79 -18.62
C VAL A 73 26.63 1.35 -19.88
N GLY A 74 25.93 0.98 -20.95
CA GLY A 74 26.52 0.72 -22.28
C GLY A 74 27.30 1.91 -22.78
N CYS A 75 26.66 3.09 -22.82
CA CYS A 75 27.26 4.37 -23.30
C CYS A 75 28.49 4.72 -22.44
N ASN A 76 28.41 4.59 -21.11
CA ASN A 76 29.54 4.95 -20.22
C ASN A 76 30.71 3.99 -20.49
N HIS A 77 30.41 2.71 -20.64
CA HIS A 77 31.40 1.65 -21.02
C HIS A 77 32.08 2.04 -22.33
N ALA A 78 31.29 2.39 -23.33
CA ALA A 78 31.80 2.76 -24.66
C ALA A 78 32.78 3.93 -24.48
N GLN A 79 32.39 4.97 -23.75
CA GLN A 79 33.24 6.18 -23.55
C GLN A 79 34.52 5.80 -22.79
N SER A 80 34.44 4.91 -21.80
CA SER A 80 35.59 4.53 -20.94
C SER A 80 36.70 3.80 -21.73
N VAL A 81 36.40 3.15 -22.85
CA VAL A 81 37.43 2.46 -23.69
C VAL A 81 37.57 3.14 -25.06
N GLY A 82 37.03 4.35 -25.21
CA GLY A 82 37.44 5.31 -26.27
C GLY A 82 36.65 5.17 -27.57
N PHE A 83 35.48 4.52 -27.55
CA PHE A 83 34.56 4.47 -28.72
C PHE A 83 33.74 5.76 -28.75
N SER A 84 32.93 5.94 -29.80
CA SER A 84 32.00 7.08 -30.03
C SER A 84 31.45 7.06 -31.47
N GLY A 87 27.19 8.40 -29.68
CA GLY A 87 25.87 7.80 -29.95
C GLY A 87 25.93 6.44 -30.63
N PHE A 88 26.99 6.13 -31.42
CA PHE A 88 27.00 4.95 -32.34
C PHE A 88 28.08 3.92 -32.00
N ALA A 89 28.86 4.14 -30.94
CA ALA A 89 29.93 3.21 -30.45
C ALA A 89 30.82 2.73 -31.60
N THR A 90 31.31 3.65 -32.44
CA THR A 90 32.19 3.32 -33.59
C THR A 90 33.65 3.26 -33.14
N THR A 91 34.44 2.51 -33.90
CA THR A 91 35.91 2.43 -33.89
C THR A 91 36.47 3.29 -35.03
N THR A 92 37.76 3.56 -35.01
CA THR A 92 38.48 4.34 -36.05
C THR A 92 38.10 3.83 -37.44
N THR A 93 38.28 2.53 -37.67
CA THR A 93 38.13 1.87 -39.00
C THR A 93 36.64 1.85 -39.38
N MET A 94 35.73 1.71 -38.43
CA MET A 94 34.27 1.79 -38.69
C MET A 94 33.95 3.18 -39.26
N ARG A 95 34.40 4.26 -38.64
CA ARG A 95 34.18 5.64 -39.15
C ARG A 95 34.79 5.77 -40.56
N LEU A 96 35.92 5.11 -40.79
CA LEU A 96 36.65 5.11 -42.09
C LEU A 96 35.79 4.42 -43.16
N LEU A 97 35.17 3.28 -42.85
CA LEU A 97 34.35 2.49 -43.83
C LEU A 97 32.89 2.96 -43.82
N ARG A 98 32.58 4.02 -43.07
CA ARG A 98 31.22 4.59 -42.96
C ARG A 98 30.27 3.51 -42.40
N LEU A 99 30.68 2.83 -41.34
CA LEU A 99 29.92 1.72 -40.70
C LEU A 99 29.44 2.17 -39.31
N ILE A 100 28.27 1.67 -38.91
CA ILE A 100 27.63 1.94 -37.58
C ILE A 100 27.02 0.64 -37.03
N TRP A 101 26.96 0.53 -35.70
CA TRP A 101 26.28 -0.61 -35.01
C TRP A 101 24.77 -0.39 -35.11
N VAL A 102 24.01 -1.43 -35.40
CA VAL A 102 22.53 -1.38 -35.26
C VAL A 102 22.05 -2.61 -34.48
N THR A 103 21.07 -2.42 -33.62
CA THR A 103 20.45 -3.51 -32.82
C THR A 103 19.63 -4.36 -33.78
N ALA A 104 19.90 -5.67 -33.78
CA ALA A 104 19.02 -6.72 -34.35
C ALA A 104 18.06 -7.23 -33.26
N ARG A 105 18.58 -7.52 -32.07
CA ARG A 105 17.73 -8.06 -30.96
C ARG A 105 18.16 -7.47 -29.61
N MET A 106 17.16 -7.20 -28.77
CA MET A 106 17.27 -6.79 -27.35
C MET A 106 16.44 -7.81 -26.55
N HIS A 107 17.00 -8.37 -25.48
CA HIS A 107 16.28 -9.28 -24.56
C HIS A 107 16.52 -8.88 -23.12
N ILE A 108 15.44 -8.60 -22.36
CA ILE A 108 15.50 -8.25 -20.91
C ILE A 108 14.69 -9.29 -20.10
N GLU A 109 15.32 -9.84 -19.07
CA GLU A 109 14.66 -10.70 -18.07
C GLU A 109 14.79 -10.04 -16.69
N ILE A 110 13.67 -9.73 -16.05
CA ILE A 110 13.63 -9.17 -14.67
C ILE A 110 13.01 -10.22 -13.75
N TYR A 111 13.76 -10.66 -12.75
CA TYR A 111 13.31 -11.57 -11.66
C TYR A 111 12.63 -10.77 -10.56
N LYS A 112 13.09 -9.54 -10.34
CA LYS A 112 12.56 -8.64 -9.31
C LYS A 112 12.83 -7.18 -9.74
N TYR A 113 11.76 -6.38 -9.81
CA TYR A 113 11.84 -4.93 -10.07
C TYR A 113 12.31 -4.25 -8.78
N PRO A 114 13.38 -3.43 -8.83
CA PRO A 114 13.78 -2.65 -7.66
C PRO A 114 12.76 -1.52 -7.38
N ALA A 115 12.56 -1.23 -6.09
CA ALA A 115 11.63 -0.18 -5.60
C ALA A 115 12.39 1.14 -5.54
N TRP A 116 11.67 2.23 -5.25
CA TRP A 116 12.21 3.59 -5.02
C TRP A 116 13.19 3.54 -3.85
N GLY A 117 14.40 4.09 -4.04
CA GLY A 117 15.43 4.12 -2.99
C GLY A 117 16.39 2.95 -3.08
N ASP A 118 16.02 1.87 -3.76
CA ASP A 118 16.93 0.71 -3.95
C ASP A 118 18.08 1.12 -4.88
N VAL A 119 19.29 0.80 -4.45
CA VAL A 119 20.50 0.90 -5.30
C VAL A 119 20.55 -0.40 -6.10
N VAL A 120 20.71 -0.29 -7.42
CA VAL A 120 20.97 -1.44 -8.30
C VAL A 120 22.37 -1.27 -8.90
N GLU A 121 23.11 -2.37 -9.03
CA GLU A 121 24.41 -2.37 -9.74
C GLU A 121 24.26 -3.13 -11.07
N ILE A 122 24.68 -2.52 -12.16
CA ILE A 122 24.64 -3.16 -13.50
C ILE A 122 26.06 -3.33 -14.03
N GLU A 123 26.45 -4.59 -14.27
CA GLU A 123 27.70 -4.93 -14.97
C GLU A 123 27.34 -5.21 -16.44
N THR A 124 28.13 -4.70 -17.36
CA THR A 124 27.93 -4.87 -18.81
C THR A 124 29.28 -5.18 -19.45
N TRP A 125 29.24 -5.97 -20.52
CA TRP A 125 30.45 -6.34 -21.30
C TRP A 125 29.98 -6.75 -22.70
N CYS A 126 30.90 -6.79 -23.66
CA CYS A 126 30.59 -7.16 -25.06
C CYS A 126 31.31 -8.46 -25.39
N GLN A 127 30.85 -9.12 -26.46
CA GLN A 127 31.51 -10.32 -27.00
C GLN A 127 31.16 -10.51 -28.49
N GLU A 128 32.11 -11.07 -29.25
CA GLU A 128 31.92 -11.53 -30.65
C GLU A 128 30.70 -12.46 -30.70
N ASP A 129 29.80 -12.28 -31.67
CA ASP A 129 28.62 -13.15 -31.83
C ASP A 129 28.55 -13.66 -33.27
N GLY A 130 29.11 -14.85 -33.53
CA GLY A 130 29.09 -15.49 -34.85
C GLY A 130 29.94 -14.72 -35.85
N LYS A 131 29.49 -14.68 -37.12
CA LYS A 131 30.27 -14.16 -38.26
C LYS A 131 29.82 -12.75 -38.64
N ILE A 132 28.70 -12.25 -38.09
CA ILE A 132 28.15 -10.90 -38.44
C ILE A 132 27.95 -10.04 -37.18
N GLY A 133 27.86 -10.65 -36.00
CA GLY A 133 27.26 -10.04 -34.80
C GLY A 133 28.26 -9.74 -33.70
N THR A 134 27.94 -8.75 -32.89
CA THR A 134 28.51 -8.54 -31.54
C THR A 134 27.37 -8.55 -30.53
N ARG A 135 27.63 -9.08 -29.34
CA ARG A 135 26.70 -9.08 -28.19
C ARG A 135 27.13 -7.98 -27.21
N ARG A 136 26.16 -7.28 -26.61
CA ARG A 136 26.28 -6.68 -25.27
C ARG A 136 25.39 -7.43 -24.29
N ASP A 137 25.94 -7.86 -23.15
CA ASP A 137 25.22 -8.51 -22.04
C ASP A 137 25.22 -7.57 -20.83
N TRP A 138 24.21 -7.69 -19.97
CA TRP A 138 24.14 -6.98 -18.68
C TRP A 138 23.72 -7.97 -17.59
N ILE A 139 24.22 -7.80 -16.37
CA ILE A 139 23.66 -8.44 -15.14
C ILE A 139 23.27 -7.32 -14.18
N ILE A 140 22.03 -7.38 -13.68
CA ILE A 140 21.45 -6.40 -12.72
C ILE A 140 21.42 -7.08 -11.35
N LYS A 141 22.05 -6.44 -10.36
CA LYS A 141 22.09 -6.93 -8.96
C LYS A 141 21.47 -5.87 -8.06
N ASP A 142 20.66 -6.28 -7.10
CA ASP A 142 20.36 -5.46 -5.90
C ASP A 142 21.70 -5.18 -5.19
N TYR A 143 22.11 -3.94 -5.09
CA TYR A 143 23.45 -3.58 -4.55
C TYR A 143 23.54 -3.99 -3.08
N SER A 144 22.43 -3.86 -2.35
CA SER A 144 22.33 -4.19 -0.91
C SER A 144 22.67 -5.68 -0.64
N THR A 145 22.14 -6.62 -1.42
CA THR A 145 22.22 -8.10 -1.16
C THR A 145 23.26 -8.77 -2.05
N GLY A 146 23.65 -8.12 -3.17
CA GLY A 146 24.47 -8.75 -4.23
C GLY A 146 23.72 -9.87 -4.95
N VAL A 147 22.39 -9.90 -4.86
CA VAL A 147 21.54 -10.91 -5.57
C VAL A 147 21.26 -10.39 -6.99
N VAL A 148 21.34 -11.27 -7.99
CA VAL A 148 20.93 -10.99 -9.39
C VAL A 148 19.41 -10.89 -9.42
N ILE A 149 18.87 -9.74 -9.85
CA ILE A 149 17.41 -9.47 -9.95
C ILE A 149 17.03 -9.35 -11.43
N GLY A 150 18.00 -9.35 -12.33
CA GLY A 150 17.72 -9.25 -13.77
C GLY A 150 18.97 -9.41 -14.60
N ARG A 151 18.76 -9.65 -15.88
CA ARG A 151 19.81 -9.88 -16.90
C ARG A 151 19.27 -9.46 -18.28
N ALA A 152 20.11 -8.92 -19.15
CA ALA A 152 19.74 -8.56 -20.53
C ALA A 152 20.86 -9.00 -21.46
N THR A 153 20.51 -9.23 -22.72
CA THR A 153 21.49 -9.45 -23.81
C THR A 153 20.97 -8.77 -25.07
N SER A 154 21.87 -8.41 -25.96
CA SER A 154 21.53 -7.69 -27.22
C SER A 154 22.50 -8.14 -28.32
N LYS A 155 21.96 -8.26 -29.54
CA LYS A 155 22.71 -8.64 -30.76
C LYS A 155 22.75 -7.39 -31.66
N TRP A 156 23.95 -7.05 -32.09
CA TRP A 156 24.27 -5.86 -32.91
C TRP A 156 24.93 -6.37 -34.20
N VAL A 157 24.64 -5.70 -35.31
CA VAL A 157 25.21 -5.96 -36.66
C VAL A 157 25.77 -4.64 -37.19
N MET A 158 26.75 -4.70 -38.10
CA MET A 158 27.27 -3.49 -38.78
C MET A 158 26.42 -3.18 -39.99
N MET A 159 26.12 -1.90 -40.16
CA MET A 159 25.45 -1.34 -41.36
C MET A 159 26.31 -0.21 -41.93
N ASN A 160 26.48 -0.20 -43.24
CA ASN A 160 26.97 0.97 -44.04
C ASN A 160 25.93 2.08 -43.88
N GLN A 161 26.26 3.21 -43.26
CA GLN A 161 25.26 4.26 -42.95
C GLN A 161 24.79 4.95 -44.24
N ASP A 162 25.58 4.90 -45.32
CA ASP A 162 25.17 5.50 -46.63
C ASP A 162 24.17 4.59 -47.36
N THR A 163 24.37 3.28 -47.37
CA THR A 163 23.62 2.31 -48.22
C THR A 163 22.54 1.56 -47.41
N ARG A 164 22.62 1.60 -46.07
CA ARG A 164 21.70 0.89 -45.15
C ARG A 164 21.82 -0.63 -45.33
N ARG A 165 22.90 -1.12 -45.96
CA ARG A 165 23.17 -2.57 -46.12
C ARG A 165 23.93 -3.11 -44.90
N LEU A 166 23.61 -4.32 -44.48
CA LEU A 166 24.44 -5.15 -43.58
C LEU A 166 25.79 -5.38 -44.25
N GLN A 167 26.90 -5.09 -43.55
CA GLN A 167 28.28 -5.21 -44.08
C GLN A 167 29.09 -6.08 -43.12
N ARG A 168 29.51 -7.27 -43.56
CA ARG A 168 30.55 -8.09 -42.88
C ARG A 168 31.87 -7.30 -42.92
N VAL A 169 32.71 -7.40 -41.88
CA VAL A 169 34.04 -6.72 -41.81
C VAL A 169 35.14 -7.77 -41.62
N ASN A 170 36.38 -7.39 -41.93
CA ASN A 170 37.58 -8.28 -41.82
C ASN A 170 38.00 -8.35 -40.34
N ASP A 171 39.01 -9.17 -40.04
CA ASP A 171 39.47 -9.49 -38.67
C ASP A 171 40.10 -8.27 -37.98
N GLU A 172 40.72 -7.34 -38.72
CA GLU A 172 41.41 -6.18 -38.10
C GLU A 172 40.38 -5.16 -37.58
N VAL A 173 39.25 -4.96 -38.28
CA VAL A 173 38.10 -4.14 -37.77
C VAL A 173 37.61 -4.77 -36.46
N ARG A 174 37.44 -6.09 -36.46
CA ARG A 174 37.01 -6.87 -35.27
C ARG A 174 38.01 -6.66 -34.13
N GLU A 175 39.31 -6.74 -34.43
CA GLU A 175 40.37 -6.67 -33.40
C GLU A 175 40.27 -5.33 -32.65
N GLU A 176 39.83 -4.26 -33.32
CA GLU A 176 39.68 -2.92 -32.68
C GLU A 176 38.73 -2.97 -31.49
N TYR A 177 37.68 -3.79 -31.50
CA TYR A 177 36.75 -3.87 -30.32
C TYR A 177 37.00 -5.16 -29.54
N LEU A 178 37.53 -6.22 -30.16
CA LEU A 178 37.76 -7.53 -29.47
C LEU A 178 38.79 -7.36 -28.36
N ILE A 179 39.74 -6.42 -28.49
CA ILE A 179 40.69 -6.02 -27.40
C ILE A 179 39.93 -5.94 -26.07
N PHE A 180 38.76 -5.30 -26.10
CA PHE A 180 38.04 -4.79 -24.90
C PHE A 180 36.90 -5.75 -24.50
N CYS A 181 36.99 -7.00 -24.95
CA CYS A 181 36.00 -8.09 -24.64
C CYS A 181 36.71 -9.22 -23.92
N PRO A 182 36.05 -9.91 -22.98
CA PRO A 182 36.60 -11.13 -22.40
C PRO A 182 36.97 -12.14 -23.48
N ARG A 183 38.09 -12.83 -23.31
CA ARG A 183 38.67 -13.74 -24.34
C ARG A 183 37.87 -15.05 -24.34
N THR A 184 37.54 -15.58 -23.16
CA THR A 184 36.67 -16.79 -23.05
C THR A 184 35.22 -16.35 -22.84
N PRO A 185 34.28 -17.04 -23.51
CA PRO A 185 32.84 -16.80 -23.37
C PRO A 185 32.41 -16.44 -21.94
N ARG A 186 31.88 -15.24 -21.79
CA ARG A 186 31.07 -14.75 -20.64
C ARG A 186 29.63 -14.48 -21.12
N LEU A 187 28.68 -15.27 -20.63
CA LEU A 187 27.26 -15.24 -21.07
C LEU A 187 26.39 -14.87 -19.86
N ALA A 188 25.52 -13.87 -20.00
CA ALA A 188 24.48 -13.50 -19.02
C ALA A 188 23.42 -14.59 -19.06
N PHE A 189 23.28 -15.20 -20.23
CA PHE A 189 22.37 -16.34 -20.52
C PHE A 189 23.23 -17.53 -20.90
N PRO A 190 23.80 -18.29 -19.90
CA PRO A 190 24.64 -19.46 -20.17
C PRO A 190 23.83 -20.76 -20.38
N GLU A 191 22.55 -20.75 -20.03
CA GLU A 191 21.65 -21.93 -20.15
C GLU A 191 21.55 -22.38 -21.62
N GLU A 192 21.18 -23.65 -21.78
CA GLU A 192 21.26 -24.49 -23.00
C GLU A 192 20.49 -23.85 -24.16
N ASP A 193 19.19 -23.57 -23.96
CA ASP A 193 18.24 -23.25 -25.05
C ASP A 193 17.51 -21.96 -24.68
N SER A 194 18.28 -20.90 -24.45
CA SER A 194 17.83 -19.63 -23.84
C SER A 194 16.66 -19.03 -24.62
N ASP A 195 15.58 -18.70 -23.90
CA ASP A 195 14.51 -17.79 -24.37
C ASP A 195 15.14 -16.60 -25.11
N SER A 196 16.31 -16.11 -24.69
CA SER A 196 17.01 -14.97 -25.34
C SER A 196 17.27 -15.21 -26.83
N LEU A 197 17.28 -16.47 -27.28
CA LEU A 197 17.60 -16.86 -28.69
C LEU A 197 16.38 -17.44 -29.43
N LYS A 198 15.22 -17.60 -28.76
CA LYS A 198 14.01 -18.18 -29.37
C LYS A 198 13.54 -17.25 -30.48
N LYS A 199 13.21 -17.80 -31.65
CA LYS A 199 12.71 -17.01 -32.80
C LYS A 199 11.33 -16.43 -32.44
N ILE A 200 11.02 -15.25 -33.01
CA ILE A 200 9.68 -14.62 -32.86
C ILE A 200 8.97 -14.70 -34.20
N PRO A 201 7.83 -15.43 -34.27
CA PRO A 201 7.02 -15.45 -35.48
C PRO A 201 6.24 -14.14 -35.57
N LYS A 202 5.78 -13.86 -36.79
CA LYS A 202 4.84 -12.77 -37.16
C LYS A 202 3.44 -13.18 -36.70
N LEU A 203 2.81 -12.40 -35.82
CA LEU A 203 1.45 -12.78 -35.32
C LEU A 203 0.46 -12.66 -36.48
N GLU A 204 -0.60 -13.47 -36.42
CA GLU A 204 -1.67 -13.57 -37.44
C GLU A 204 -2.71 -12.47 -37.20
N GLU A 205 -3.01 -11.68 -38.23
CA GLU A 205 -4.10 -10.68 -38.20
C GLU A 205 -5.44 -11.43 -38.27
N PRO A 206 -6.52 -10.92 -37.60
CA PRO A 206 -6.42 -9.78 -36.69
C PRO A 206 -5.82 -10.18 -35.34
N ALA A 207 -5.13 -9.23 -34.71
CA ALA A 207 -4.58 -9.35 -33.35
C ALA A 207 -5.73 -9.31 -32.35
N GLN A 208 -5.59 -10.00 -31.22
CA GLN A 208 -6.55 -9.92 -30.09
C GLN A 208 -6.63 -8.48 -29.57
N SER A 209 -5.55 -7.72 -29.67
CA SER A 209 -5.32 -6.47 -28.91
C SER A 209 -4.47 -5.53 -29.77
N SER A 210 -4.76 -4.23 -29.74
CA SER A 210 -4.04 -3.25 -30.59
C SER A 210 -4.20 -1.84 -30.05
N LYS A 211 -3.12 -1.05 -30.14
CA LYS A 211 -3.11 0.42 -29.94
C LYS A 211 -2.70 1.03 -31.30
N LEU A 212 -3.59 1.79 -31.91
CA LEU A 212 -3.46 2.21 -33.34
C LEU A 212 -3.07 3.69 -33.41
N GLY A 213 -2.35 4.07 -34.45
CA GLY A 213 -2.05 5.47 -34.78
C GLY A 213 -1.18 6.13 -33.73
N LEU A 214 -0.19 5.41 -33.21
CA LEU A 214 0.83 5.94 -32.27
C LEU A 214 1.86 6.74 -33.07
N VAL A 215 2.25 7.91 -32.55
CA VAL A 215 3.18 8.86 -33.23
C VAL A 215 4.32 9.20 -32.28
N PRO A 216 5.59 9.25 -32.75
CA PRO A 216 6.67 9.72 -31.89
C PRO A 216 6.39 11.16 -31.43
N ARG A 217 6.73 11.48 -30.17
CA ARG A 217 6.84 12.87 -29.67
C ARG A 217 8.30 13.32 -29.84
N ARG A 218 8.56 14.63 -29.85
CA ARG A 218 9.95 15.16 -29.87
C ARG A 218 10.77 14.55 -28.72
N ALA A 219 10.18 14.34 -27.54
CA ALA A 219 10.86 13.77 -26.35
C ALA A 219 11.24 12.29 -26.57
N ASP A 220 10.79 11.66 -27.66
CA ASP A 220 11.12 10.26 -28.03
C ASP A 220 12.33 10.23 -28.96
N LEU A 221 12.91 11.38 -29.31
CA LEU A 221 14.17 11.47 -30.09
C LEU A 221 15.35 11.64 -29.13
N ASP A 222 16.47 10.96 -29.41
CA ASP A 222 17.75 11.03 -28.65
C ASP A 222 18.58 12.23 -29.11
N MET A 223 19.86 12.29 -28.69
CA MET A 223 20.81 13.41 -29.00
C MET A 223 21.13 13.48 -30.51
N ASN A 224 20.88 12.41 -31.27
CA ASN A 224 21.15 12.33 -32.73
C ASN A 224 19.85 12.34 -33.54
N GLN A 225 18.75 12.78 -32.92
CA GLN A 225 17.43 13.00 -33.59
C GLN A 225 16.86 11.67 -34.08
N HIS A 226 17.18 10.57 -33.41
CA HIS A 226 16.65 9.20 -33.69
C HIS A 226 15.63 8.81 -32.62
N VAL A 227 14.61 8.05 -33.00
CA VAL A 227 13.60 7.45 -32.07
C VAL A 227 14.31 6.45 -31.16
N ASN A 228 14.16 6.60 -29.84
CA ASN A 228 14.84 5.77 -28.81
C ASN A 228 14.13 4.42 -28.72
N ASN A 229 14.93 3.35 -28.58
CA ASN A 229 14.49 1.95 -28.31
C ASN A 229 13.36 1.93 -27.28
N VAL A 230 13.48 2.71 -26.21
CA VAL A 230 12.56 2.68 -25.04
C VAL A 230 11.17 3.12 -25.50
N THR A 231 11.11 3.91 -26.58
CA THR A 231 9.82 4.30 -27.19
C THR A 231 9.10 3.02 -27.63
N TYR A 232 9.85 2.05 -28.19
CA TYR A 232 9.28 0.80 -28.77
C TYR A 232 8.78 -0.12 -27.65
N ILE A 233 9.42 -0.09 -26.47
CA ILE A 233 9.02 -0.88 -25.26
C ILE A 233 7.68 -0.35 -24.77
N GLY A 234 7.52 0.97 -24.64
CA GLY A 234 6.24 1.60 -24.26
C GLY A 234 5.11 1.24 -25.21
N TRP A 235 5.37 1.29 -26.53
CA TRP A 235 4.38 0.98 -27.60
C TRP A 235 3.99 -0.49 -27.55
N VAL A 236 4.98 -1.38 -27.37
CA VAL A 236 4.71 -2.84 -27.13
C VAL A 236 3.76 -2.94 -25.94
N LEU A 237 4.07 -2.26 -24.85
CA LEU A 237 3.31 -2.42 -23.57
C LEU A 237 1.90 -1.82 -23.72
N GLU A 238 1.72 -0.80 -24.57
CA GLU A 238 0.38 -0.20 -24.82
C GLU A 238 -0.57 -1.27 -25.39
N SER A 239 -0.06 -2.30 -26.07
CA SER A 239 -0.91 -3.33 -26.72
C SER A 239 -1.41 -4.35 -25.68
N ILE A 240 -0.86 -4.33 -24.45
CA ILE A 240 -1.25 -5.35 -23.42
C ILE A 240 -2.58 -4.93 -22.80
N PRO A 241 -3.55 -5.85 -22.71
CA PRO A 241 -4.83 -5.52 -22.08
C PRO A 241 -4.59 -5.05 -20.64
N GLN A 242 -5.36 -4.04 -20.24
CA GLN A 242 -5.32 -3.43 -18.88
C GLN A 242 -5.45 -4.52 -17.83
N GLU A 243 -6.27 -5.55 -18.08
CA GLU A 243 -6.55 -6.64 -17.13
C GLU A 243 -5.24 -7.37 -16.79
N ILE A 244 -4.35 -7.53 -17.77
CA ILE A 244 -3.04 -8.22 -17.56
C ILE A 244 -2.13 -7.30 -16.75
N ILE A 245 -2.13 -6.01 -17.06
CA ILE A 245 -1.25 -5.02 -16.38
C ILE A 245 -1.65 -4.97 -14.89
N ASP A 246 -2.94 -5.10 -14.59
CA ASP A 246 -3.52 -4.97 -13.23
C ASP A 246 -3.17 -6.18 -12.35
N THR A 247 -2.86 -7.34 -12.95
CA THR A 247 -2.74 -8.63 -12.21
C THR A 247 -1.38 -9.33 -12.42
N HIS A 248 -0.56 -8.84 -13.35
CA HIS A 248 0.75 -9.47 -13.71
C HIS A 248 1.82 -8.40 -13.90
N GLU A 249 3.10 -8.76 -13.73
CA GLU A 249 4.23 -7.91 -14.18
C GLU A 249 5.06 -8.70 -15.19
N LEU A 250 5.84 -7.96 -15.96
CA LEU A 250 6.64 -8.46 -17.08
C LEU A 250 7.92 -9.10 -16.53
N GLN A 251 8.18 -10.32 -16.98
CA GLN A 251 9.40 -11.08 -16.63
C GLN A 251 10.38 -11.02 -17.83
N THR A 252 9.90 -11.17 -19.08
CA THR A 252 10.80 -11.08 -20.25
C THR A 252 10.18 -10.21 -21.35
N ILE A 253 11.05 -9.51 -22.06
CA ILE A 253 10.72 -8.80 -23.31
C ILE A 253 11.85 -9.08 -24.29
N THR A 254 11.48 -9.56 -25.48
CA THR A 254 12.38 -9.77 -26.62
C THR A 254 11.85 -8.88 -27.74
N LEU A 255 12.68 -8.00 -28.30
CA LEU A 255 12.33 -7.26 -29.54
C LEU A 255 13.33 -7.63 -30.64
N ASP A 256 12.82 -7.98 -31.82
CA ASP A 256 13.60 -7.98 -33.09
C ASP A 256 13.24 -6.73 -33.87
N TYR A 257 14.24 -5.87 -34.14
CA TYR A 257 14.11 -4.61 -34.91
C TYR A 257 14.29 -4.93 -36.40
N ARG A 258 13.48 -4.32 -37.26
CA ARG A 258 13.60 -4.42 -38.74
C ARG A 258 13.89 -3.04 -39.32
N ARG A 259 13.08 -2.03 -38.94
CA ARG A 259 13.24 -0.63 -39.40
C ARG A 259 13.24 0.34 -38.23
N GLU A 260 13.83 1.51 -38.44
CA GLU A 260 13.66 2.70 -37.56
C GLU A 260 12.31 3.34 -37.89
N CYS A 261 11.54 3.68 -36.87
CA CYS A 261 10.40 4.61 -37.02
C CYS A 261 10.99 6.00 -37.30
N GLN A 262 10.48 6.71 -38.31
CA GLN A 262 10.87 8.10 -38.62
C GLN A 262 10.01 9.05 -37.77
N HIS A 263 10.47 10.29 -37.59
CA HIS A 263 9.86 11.28 -36.66
C HIS A 263 8.40 11.57 -37.01
N ASP A 264 7.98 11.45 -38.27
CA ASP A 264 6.57 11.70 -38.70
C ASP A 264 5.90 10.39 -39.18
N ASP A 265 6.37 9.23 -38.70
CA ASP A 265 5.73 7.92 -38.99
C ASP A 265 4.55 7.71 -38.03
N ILE A 266 3.54 6.97 -38.48
CA ILE A 266 2.36 6.57 -37.66
C ILE A 266 2.38 5.05 -37.57
N VAL A 267 2.18 4.52 -36.35
CA VAL A 267 2.56 3.13 -35.99
C VAL A 267 1.39 2.44 -35.30
N ASP A 268 1.15 1.17 -35.64
CA ASP A 268 0.18 0.29 -34.94
C ASP A 268 0.94 -0.76 -34.13
N SER A 269 0.60 -0.87 -32.85
CA SER A 269 1.18 -1.87 -31.91
C SER A 269 0.13 -2.96 -31.74
N LEU A 270 0.42 -4.17 -32.25
CA LEU A 270 -0.52 -5.33 -32.22
C LEU A 270 0.00 -6.34 -31.20
N SER A 271 -0.90 -7.14 -30.61
CA SER A 271 -0.50 -8.27 -29.72
C SER A 271 -1.56 -9.37 -29.78
N SER A 272 -1.11 -10.62 -29.58
CA SER A 272 -1.96 -11.82 -29.31
C SER A 272 -1.23 -12.71 -28.30
N ARG A 273 -2.00 -13.45 -27.49
CA ARG A 273 -1.44 -14.51 -26.61
C ARG A 273 -0.91 -15.65 -27.48
N GLU A 274 0.17 -16.31 -27.04
CA GLU A 274 0.67 -17.57 -27.66
C GLU A 274 0.83 -18.64 -26.58
N GLY A 291 0.01 -19.38 -13.32
CA GLY A 291 0.02 -17.90 -13.17
C GLY A 291 1.00 -17.25 -14.14
N GLU A 292 0.91 -17.60 -15.42
CA GLU A 292 1.87 -17.24 -16.49
C GLU A 292 1.08 -16.95 -17.78
N CYS A 293 1.47 -15.93 -18.53
CA CYS A 293 0.98 -15.75 -19.91
C CYS A 293 2.09 -15.15 -20.78
N GLN A 294 2.04 -15.46 -22.09
CA GLN A 294 2.95 -14.95 -23.13
C GLN A 294 2.14 -14.25 -24.23
N PHE A 295 2.68 -13.15 -24.76
CA PHE A 295 2.10 -12.36 -25.88
C PHE A 295 3.14 -12.26 -26.99
N LEU A 296 2.72 -12.47 -28.26
CA LEU A 296 3.45 -12.01 -29.46
C LEU A 296 3.10 -10.54 -29.72
N HIS A 297 4.07 -9.80 -30.26
CA HIS A 297 3.91 -8.35 -30.57
C HIS A 297 4.39 -8.09 -31.99
N PHE A 298 3.76 -7.12 -32.63
CA PHE A 298 4.11 -6.65 -33.99
C PHE A 298 3.84 -5.14 -34.03
N LEU A 299 4.88 -4.36 -34.30
CA LEU A 299 4.81 -2.92 -34.65
C LEU A 299 4.88 -2.77 -36.16
N LYS A 300 3.88 -2.13 -36.75
CA LYS A 300 3.78 -1.93 -38.23
C LYS A 300 3.37 -0.49 -38.53
N LEU A 301 3.83 0.01 -39.68
CA LEU A 301 3.45 1.35 -40.18
C LEU A 301 1.99 1.34 -40.60
N SER A 302 1.20 2.30 -40.10
CA SER A 302 -0.27 2.44 -40.36
C SER A 302 -0.55 2.45 -41.87
N GLY A 303 0.17 3.28 -42.64
CA GLY A 303 -0.04 3.38 -44.10
C GLY A 303 0.21 2.06 -44.82
N SER A 304 1.47 1.63 -44.85
CA SER A 304 2.03 0.57 -45.72
C SER A 304 1.91 -0.84 -45.12
N GLY A 305 1.72 -0.94 -43.80
CA GLY A 305 1.75 -2.20 -43.04
C GLY A 305 3.15 -2.78 -42.87
N LEU A 306 4.22 -2.05 -43.23
CA LEU A 306 5.63 -2.55 -43.14
C LEU A 306 6.06 -2.73 -41.68
N GLU A 307 6.75 -3.82 -41.39
CA GLU A 307 7.25 -4.19 -40.03
C GLU A 307 8.23 -3.11 -39.56
N ILE A 308 7.99 -2.54 -38.37
CA ILE A 308 8.98 -1.75 -37.60
C ILE A 308 9.80 -2.74 -36.78
N ASN A 309 9.12 -3.52 -35.93
CA ASN A 309 9.73 -4.62 -35.17
C ASN A 309 8.66 -5.62 -34.72
N ARG A 310 9.10 -6.70 -34.08
CA ARG A 310 8.22 -7.72 -33.48
C ARG A 310 8.78 -8.07 -32.11
N GLY A 311 7.97 -8.74 -31.29
CA GLY A 311 8.31 -8.91 -29.88
C GLY A 311 7.60 -10.09 -29.27
N ARG A 312 8.13 -10.52 -28.13
CA ARG A 312 7.50 -11.49 -27.21
C ARG A 312 7.59 -10.89 -25.80
N THR A 313 6.49 -10.89 -25.05
CA THR A 313 6.50 -10.60 -23.59
C THR A 313 6.03 -11.84 -22.82
N GLN A 314 6.63 -12.06 -21.65
CA GLN A 314 6.23 -13.12 -20.68
C GLN A 314 5.93 -12.46 -19.33
N TRP A 315 4.80 -12.83 -18.75
CA TRP A 315 4.20 -12.18 -17.56
C TRP A 315 4.04 -13.20 -16.44
N ARG A 316 4.13 -12.72 -15.21
CA ARG A 316 3.97 -13.55 -13.99
C ARG A 316 2.92 -12.90 -13.11
N ARG A 317 2.00 -13.69 -12.55
CA ARG A 317 0.87 -13.21 -11.71
C ARG A 317 1.47 -12.63 -10.43
N LEU A 318 1.01 -11.43 -10.05
CA LEU A 318 1.33 -10.80 -8.76
C LEU A 318 0.26 -11.27 -7.76
N ALA A 319 0.68 -11.89 -6.65
CA ALA A 319 -0.25 -12.49 -5.64
C ALA A 319 -0.53 -11.50 -4.51
N LYS A 320 0.17 -10.36 -4.50
CA LYS A 320 0.04 -9.31 -3.46
C LYS A 320 0.56 -8.01 -4.06
N LEU B 32 23.52 4.96 -0.67
CA LEU B 32 24.58 5.88 -1.21
C LEU B 32 23.90 6.99 -2.01
N ARG B 33 22.98 7.73 -1.35
CA ARG B 33 22.03 8.69 -2.00
C ARG B 33 22.70 10.03 -2.34
N LEU B 34 23.61 10.52 -1.46
CA LEU B 34 24.09 11.93 -1.45
C LEU B 34 22.88 12.87 -1.41
N GLY B 35 21.90 12.62 -0.53
CA GLY B 35 20.63 13.40 -0.47
C GLY B 35 20.12 13.54 0.95
N SER B 36 20.08 14.77 1.47
CA SER B 36 19.99 15.01 2.93
C SER B 36 19.44 16.40 3.25
N LEU B 37 18.62 16.49 4.30
CA LEU B 37 18.31 17.77 5.00
C LEU B 37 19.62 18.48 5.30
N GLU B 38 19.61 19.82 5.21
CA GLU B 38 20.69 20.72 5.70
C GLU B 38 20.72 20.70 7.23
N PRO B 39 21.81 21.19 7.85
CA PRO B 39 21.98 21.11 9.31
C PRO B 39 20.76 21.63 10.10
N ASP B 40 20.23 22.78 9.70
CA ASP B 40 19.09 23.44 10.39
C ASP B 40 17.78 22.68 10.12
N GLY B 41 17.78 21.72 9.19
CA GLY B 41 16.60 20.89 8.85
C GLY B 41 15.50 21.63 8.10
N LEU B 42 15.81 22.79 7.50
CA LEU B 42 14.79 23.70 6.89
C LEU B 42 14.92 23.76 5.37
N SER B 43 15.92 23.09 4.80
CA SER B 43 16.05 22.87 3.34
C SER B 43 16.72 21.51 3.12
N TYR B 44 16.68 21.03 1.87
CA TYR B 44 17.10 19.67 1.48
C TYR B 44 17.95 19.77 0.21
N LYS B 45 19.09 19.08 0.16
CA LYS B 45 20.01 19.14 -1.00
C LYS B 45 20.21 17.72 -1.52
N GLU B 46 20.24 17.56 -2.83
CA GLU B 46 20.52 16.28 -3.50
C GLU B 46 21.30 16.56 -4.77
N SER B 47 22.28 15.71 -5.08
CA SER B 47 23.12 15.79 -6.30
C SER B 47 22.73 14.68 -7.26
N PHE B 48 22.89 14.96 -8.54
CA PHE B 48 22.53 14.07 -9.67
C PHE B 48 23.68 14.10 -10.68
N ILE B 49 24.05 12.94 -11.21
CA ILE B 49 24.98 12.83 -12.37
C ILE B 49 24.13 12.66 -13.61
N VAL B 50 24.18 13.64 -14.52
CA VAL B 50 23.34 13.66 -15.76
C VAL B 50 23.69 12.44 -16.60
N ARG B 51 22.68 11.74 -17.10
CA ARG B 51 22.84 10.43 -17.79
C ARG B 51 22.69 10.65 -19.30
N SER B 52 23.27 9.74 -20.10
CA SER B 52 23.31 9.82 -21.58
C SER B 52 21.89 9.99 -22.13
N TYR B 53 20.92 9.24 -21.59
CA TYR B 53 19.53 9.22 -22.13
C TYR B 53 18.75 10.47 -21.69
N GLU B 54 19.31 11.30 -20.80
CA GLU B 54 18.63 12.49 -20.22
C GLU B 54 18.88 13.73 -21.09
N VAL B 55 19.84 13.67 -22.03
CA VAL B 55 20.19 14.83 -22.90
C VAL B 55 19.44 14.71 -24.23
N GLY B 56 19.17 15.84 -24.86
CA GLY B 56 18.47 15.93 -26.16
C GLY B 56 19.38 16.41 -27.28
N VAL B 57 18.76 16.97 -28.32
CA VAL B 57 19.44 17.40 -29.58
C VAL B 57 20.63 18.33 -29.28
N ASN B 58 20.52 19.20 -28.28
CA ASN B 58 21.53 20.24 -27.95
C ASN B 58 22.68 19.65 -27.11
N LYS B 59 22.69 18.33 -26.89
CA LYS B 59 23.76 17.55 -26.18
C LYS B 59 23.77 17.93 -24.69
N THR B 60 22.64 18.39 -24.17
CA THR B 60 22.44 18.84 -22.77
C THR B 60 21.10 18.32 -22.24
N ALA B 61 20.93 18.26 -20.93
CA ALA B 61 19.75 17.71 -20.22
C ALA B 61 18.50 18.46 -20.69
N THR B 62 17.48 17.72 -21.09
CA THR B 62 16.19 18.25 -21.56
C THR B 62 15.49 18.94 -20.39
N VAL B 63 14.57 19.85 -20.71
CA VAL B 63 13.63 20.50 -19.75
C VAL B 63 12.94 19.41 -18.91
N GLU B 64 12.49 18.31 -19.55
CA GLU B 64 11.76 17.21 -18.87
C GLU B 64 12.67 16.59 -17.81
N THR B 65 13.92 16.27 -18.13
CA THR B 65 14.91 15.77 -17.15
C THR B 65 14.98 16.73 -15.96
N ILE B 66 15.13 18.03 -16.21
CA ILE B 66 15.24 19.05 -15.14
C ILE B 66 13.98 18.97 -14.28
N ALA B 67 12.82 19.04 -14.89
CA ALA B 67 11.51 18.99 -14.17
C ALA B 67 11.46 17.75 -13.29
N ASN B 68 11.86 16.59 -13.82
CA ASN B 68 11.85 15.31 -13.07
C ASN B 68 12.80 15.36 -11.88
N LEU B 69 13.96 16.01 -12.01
CA LEU B 69 14.94 16.13 -10.90
C LEU B 69 14.40 17.05 -9.80
N LEU B 70 13.69 18.13 -10.16
CA LEU B 70 13.05 19.06 -9.21
C LEU B 70 12.00 18.29 -8.39
N GLN B 71 11.16 17.52 -9.08
CA GLN B 71 10.16 16.65 -8.42
C GLN B 71 10.86 15.65 -7.50
N GLU B 72 11.92 15.00 -7.98
CA GLU B 72 12.61 13.92 -7.24
C GLU B 72 13.06 14.47 -5.89
N VAL B 73 13.67 15.67 -5.90
CA VAL B 73 14.27 16.27 -4.68
C VAL B 73 13.13 16.72 -3.74
N GLY B 74 12.01 17.20 -4.30
CA GLY B 74 10.77 17.46 -3.54
C GLY B 74 10.29 16.24 -2.77
N CYS B 75 10.11 15.11 -3.46
CA CYS B 75 9.65 13.81 -2.88
C CYS B 75 10.60 13.36 -1.77
N ASN B 76 11.92 13.44 -1.99
CA ASN B 76 12.91 12.98 -0.99
C ASN B 76 12.83 13.89 0.23
N HIS B 77 12.72 15.21 0.01
CA HIS B 77 12.51 16.23 1.08
C HIS B 77 11.26 15.85 1.90
N ALA B 78 10.16 15.59 1.21
CA ALA B 78 8.88 15.24 1.87
C ALA B 78 9.12 14.01 2.76
N GLN B 79 9.74 12.97 2.23
CA GLN B 79 9.98 11.70 2.98
C GLN B 79 10.90 11.95 4.17
N SER B 80 11.92 12.80 4.03
CA SER B 80 12.92 13.08 5.08
C SER B 80 12.31 13.76 6.32
N VAL B 81 11.18 14.46 6.20
CA VAL B 81 10.49 15.12 7.35
C VAL B 81 9.12 14.47 7.61
N GLY B 82 8.85 13.29 7.02
CA GLY B 82 7.80 12.36 7.46
C GLY B 82 6.44 12.61 6.84
N PHE B 83 6.35 13.31 5.72
CA PHE B 83 5.07 13.46 4.96
C PHE B 83 4.84 12.19 4.12
N SER B 84 3.70 12.14 3.42
CA SER B 84 3.34 11.14 2.37
C SER B 84 1.87 11.30 1.97
N GLY B 87 3.67 10.13 -1.98
CA GLY B 87 3.13 10.50 -3.30
C GLY B 87 2.41 11.84 -3.34
N PHE B 88 1.77 12.26 -2.25
CA PHE B 88 0.88 13.47 -2.21
C PHE B 88 1.38 14.55 -1.21
N ALA B 89 2.48 14.28 -0.52
CA ALA B 89 3.09 15.17 0.50
C ALA B 89 2.03 15.70 1.49
N THR B 90 1.16 14.83 2.02
CA THR B 90 0.10 15.23 2.98
C THR B 90 0.67 15.16 4.39
N THR B 91 0.02 15.94 5.27
CA THR B 91 0.12 15.89 6.74
C THR B 91 -1.06 15.10 7.30
N THR B 92 -0.96 14.74 8.59
CA THR B 92 -1.99 14.00 9.34
C THR B 92 -3.35 14.65 9.10
N THR B 93 -3.44 15.95 9.40
CA THR B 93 -4.72 16.71 9.44
C THR B 93 -5.23 16.90 8.01
N MET B 94 -4.34 17.06 7.02
CA MET B 94 -4.75 17.10 5.58
C MET B 94 -5.51 15.81 5.21
N ARG B 95 -4.94 14.65 5.52
CA ARG B 95 -5.60 13.33 5.23
C ARG B 95 -6.95 13.30 5.95
N LEU B 96 -7.02 13.87 7.15
CA LEU B 96 -8.24 13.91 8.00
C LEU B 96 -9.30 14.79 7.34
N LEU B 97 -8.93 15.96 6.79
CA LEU B 97 -9.88 16.92 6.15
C LEU B 97 -10.11 16.58 4.67
N ARG B 98 -9.50 15.49 4.20
CA ARG B 98 -9.64 15.00 2.80
C ARG B 98 -9.09 16.09 1.87
N LEU B 99 -7.91 16.60 2.21
CA LEU B 99 -7.24 17.69 1.45
C LEU B 99 -5.98 17.11 0.78
N ILE B 100 -5.64 17.64 -0.40
CA ILE B 100 -4.37 17.33 -1.12
C ILE B 100 -3.77 18.63 -1.67
N TRP B 101 -2.46 18.64 -1.85
CA TRP B 101 -1.69 19.71 -2.49
C TRP B 101 -1.95 19.69 -3.98
N VAL B 102 -2.19 20.84 -4.59
CA VAL B 102 -2.22 20.92 -6.07
C VAL B 102 -1.37 22.12 -6.49
N THR B 103 -0.61 21.94 -7.56
CA THR B 103 0.17 23.00 -8.22
C THR B 103 -0.82 23.96 -8.86
N ALA B 104 -0.71 25.24 -8.53
CA ALA B 104 -1.34 26.39 -9.22
C ALA B 104 -0.36 26.91 -10.27
N ARG B 105 0.93 27.09 -9.91
CA ARG B 105 1.96 27.57 -10.87
C ARG B 105 3.29 26.85 -10.64
N MET B 106 3.96 26.54 -11.75
CA MET B 106 5.35 26.01 -11.82
C MET B 106 6.14 26.97 -12.71
N HIS B 107 7.30 27.45 -12.26
CA HIS B 107 8.18 28.36 -13.03
C HIS B 107 9.62 27.87 -12.95
N ILE B 108 10.23 27.58 -14.12
CA ILE B 108 11.62 27.07 -14.23
C ILE B 108 12.44 28.04 -15.10
N GLU B 109 13.62 28.42 -14.58
CA GLU B 109 14.62 29.24 -15.31
C GLU B 109 15.90 28.41 -15.38
N ILE B 110 16.36 28.08 -16.58
CA ILE B 110 17.67 27.40 -16.81
C ILE B 110 18.59 28.39 -17.55
N TYR B 111 19.69 28.75 -16.90
CA TYR B 111 20.74 29.66 -17.43
C TYR B 111 21.73 28.85 -18.24
N LYS B 112 21.97 27.60 -17.83
CA LYS B 112 22.87 26.67 -18.56
C LYS B 112 22.39 25.24 -18.31
N TYR B 113 22.14 24.51 -19.40
CA TYR B 113 21.77 23.08 -19.38
C TYR B 113 23.04 22.28 -19.12
N PRO B 114 23.02 21.38 -18.11
CA PRO B 114 24.16 20.50 -17.84
C PRO B 114 24.31 19.42 -18.92
N ALA B 115 25.54 19.03 -19.22
CA ALA B 115 25.88 17.97 -20.20
C ALA B 115 25.91 16.63 -19.48
N TRP B 116 26.03 15.55 -20.23
CA TRP B 116 26.23 14.15 -19.74
C TRP B 116 27.50 14.09 -18.88
N GLY B 117 27.40 13.52 -17.68
CA GLY B 117 28.54 13.40 -16.74
C GLY B 117 28.63 14.55 -15.76
N ASP B 118 27.93 15.66 -16.01
CA ASP B 118 27.91 16.81 -15.06
C ASP B 118 27.14 16.43 -13.81
N VAL B 119 27.74 16.72 -12.65
CA VAL B 119 27.07 16.61 -11.33
C VAL B 119 26.34 17.93 -11.09
N VAL B 120 25.04 17.88 -10.82
CA VAL B 120 24.26 19.09 -10.44
C VAL B 120 23.77 18.91 -9.01
N GLU B 121 23.78 19.98 -8.23
CA GLU B 121 23.27 19.97 -6.83
C GLU B 121 22.01 20.83 -6.75
N ILE B 122 20.92 20.28 -6.21
CA ILE B 122 19.63 20.98 -6.11
C ILE B 122 19.28 21.13 -4.63
N GLU B 123 19.16 22.39 -4.19
CA GLU B 123 18.61 22.75 -2.87
C GLU B 123 17.15 23.13 -3.06
N THR B 124 16.28 22.63 -2.18
CA THR B 124 14.82 22.89 -2.25
C THR B 124 14.34 23.16 -0.84
N TRP B 125 13.34 24.03 -0.74
CA TRP B 125 12.72 24.37 0.56
C TRP B 125 11.32 24.87 0.25
N CYS B 126 10.45 24.88 1.25
CA CYS B 126 9.06 25.38 1.13
C CYS B 126 8.89 26.62 2.00
N GLN B 127 7.87 27.41 1.71
CA GLN B 127 7.57 28.66 2.45
C GLN B 127 6.08 28.98 2.26
N GLU B 128 5.47 29.44 3.33
CA GLU B 128 4.11 30.02 3.39
C GLU B 128 4.02 31.11 2.33
N ASP B 129 2.96 31.11 1.52
CA ASP B 129 2.77 32.08 0.42
C ASP B 129 1.38 32.72 0.53
N GLY B 130 1.31 33.88 1.20
CA GLY B 130 0.05 34.61 1.44
C GLY B 130 -0.86 33.84 2.39
N LYS B 131 -2.17 33.91 2.16
CA LYS B 131 -3.22 33.39 3.09
C LYS B 131 -3.78 32.05 2.59
N ILE B 132 -3.44 31.63 1.38
CA ILE B 132 -3.98 30.36 0.80
C ILE B 132 -2.85 29.44 0.33
N GLY B 133 -1.66 30.00 0.04
CA GLY B 133 -0.62 29.33 -0.80
C GLY B 133 0.59 28.87 -0.02
N THR B 134 1.25 27.84 -0.52
CA THR B 134 2.62 27.45 -0.10
C THR B 134 3.50 27.45 -1.36
N ARG B 135 4.75 27.87 -1.22
CA ARG B 135 5.78 27.81 -2.30
C ARG B 135 6.73 26.66 -2.02
N ARG B 136 7.17 25.99 -3.08
CA ARG B 136 8.45 25.23 -3.13
C ARG B 136 9.37 25.94 -4.11
N ASP B 137 10.58 26.26 -3.63
CA ASP B 137 11.66 26.87 -4.44
C ASP B 137 12.77 25.83 -4.63
N TRP B 138 13.50 25.95 -5.72
CA TRP B 138 14.73 25.15 -5.99
C TRP B 138 15.84 26.11 -6.46
N ILE B 139 17.08 25.83 -6.09
CA ILE B 139 18.29 26.41 -6.75
C ILE B 139 19.12 25.25 -7.30
N ILE B 140 19.50 25.34 -8.56
CA ILE B 140 20.31 24.31 -9.27
C ILE B 140 21.71 24.88 -9.44
N LYS B 141 22.72 24.18 -8.93
CA LYS B 141 24.15 24.56 -9.04
C LYS B 141 24.90 23.45 -9.79
N ASP B 142 25.83 23.84 -10.68
CA ASP B 142 26.95 22.96 -11.11
C ASP B 142 27.74 22.61 -9.84
N TYR B 143 27.79 21.33 -9.47
CA TYR B 143 28.41 20.88 -8.20
C TYR B 143 29.90 21.26 -8.16
N SER B 144 30.58 21.14 -9.30
CA SER B 144 32.04 21.40 -9.44
C SER B 144 32.37 22.86 -9.10
N THR B 145 31.60 23.83 -9.61
CA THR B 145 31.95 25.28 -9.56
C THR B 145 31.16 26.01 -8.47
N GLY B 146 30.05 25.42 -7.99
CA GLY B 146 29.09 26.11 -7.09
C GLY B 146 28.39 27.27 -7.79
N VAL B 147 28.37 27.28 -9.12
CA VAL B 147 27.68 28.33 -9.93
C VAL B 147 26.22 27.91 -10.08
N VAL B 148 25.30 28.87 -9.89
CA VAL B 148 23.83 28.67 -10.12
C VAL B 148 23.63 28.61 -11.63
N ILE B 149 23.08 27.50 -12.14
CA ILE B 149 22.79 27.30 -13.59
C ILE B 149 21.27 27.29 -13.81
N GLY B 150 20.49 27.30 -12.73
CA GLY B 150 19.02 27.27 -12.81
C GLY B 150 18.38 27.50 -11.47
N ARG B 151 17.10 27.88 -11.50
CA ARG B 151 16.25 28.08 -10.31
C ARG B 151 14.79 27.87 -10.72
N ALA B 152 13.96 27.35 -9.81
CA ALA B 152 12.53 27.13 -10.06
C ALA B 152 11.76 27.55 -8.82
N THR B 153 10.51 27.92 -9.01
CA THR B 153 9.57 28.17 -7.91
C THR B 153 8.20 27.64 -8.33
N SER B 154 7.39 27.28 -7.35
CA SER B 154 6.06 26.68 -7.56
C SER B 154 5.12 27.15 -6.46
N LYS B 155 3.87 27.40 -6.83
CA LYS B 155 2.78 27.80 -5.92
C LYS B 155 1.80 26.63 -5.84
N TRP B 156 1.46 26.27 -4.61
CA TRP B 156 0.61 25.12 -4.26
C TRP B 156 -0.54 25.65 -3.42
N VAL B 157 -1.72 25.06 -3.61
CA VAL B 157 -2.96 25.33 -2.84
C VAL B 157 -3.46 23.98 -2.32
N MET B 158 -4.20 24.01 -1.22
CA MET B 158 -4.94 22.85 -0.69
C MET B 158 -6.29 22.77 -1.38
N MET B 159 -6.66 21.56 -1.80
CA MET B 159 -7.94 21.27 -2.47
C MET B 159 -8.58 20.07 -1.74
N ASN B 160 -9.87 20.19 -1.47
CA ASN B 160 -10.75 19.07 -1.05
C ASN B 160 -10.80 18.07 -2.21
N GLN B 161 -10.31 16.84 -2.00
CA GLN B 161 -10.21 15.83 -3.09
C GLN B 161 -11.61 15.41 -3.58
N ASP B 162 -12.65 15.56 -2.75
CA ASP B 162 -14.04 15.18 -3.11
C ASP B 162 -14.70 16.25 -3.98
N THR B 163 -14.50 17.53 -3.67
CA THR B 163 -15.24 18.67 -4.27
C THR B 163 -14.38 19.39 -5.32
N ARG B 164 -13.07 19.18 -5.31
CA ARG B 164 -12.09 19.85 -6.22
C ARG B 164 -12.07 21.37 -5.97
N ARG B 165 -12.60 21.84 -4.84
CA ARG B 165 -12.56 23.26 -4.42
C ARG B 165 -11.29 23.53 -3.61
N LEU B 166 -10.70 24.70 -3.79
CA LEU B 166 -9.70 25.30 -2.88
C LEU B 166 -10.32 25.43 -1.48
N GLN B 167 -9.62 24.93 -0.46
CA GLN B 167 -10.06 24.95 0.98
C GLN B 167 -8.95 25.59 1.83
N ARG B 168 -9.22 26.78 2.37
CA ARG B 168 -8.41 27.43 3.42
C ARG B 168 -8.46 26.57 4.69
N VAL B 169 -7.37 26.49 5.45
CA VAL B 169 -7.29 25.73 6.74
C VAL B 169 -6.82 26.70 7.84
N ASN B 170 -6.99 26.32 9.11
CA ASN B 170 -6.59 27.14 10.29
C ASN B 170 -5.07 27.06 10.48
N ASP B 171 -4.54 27.81 11.44
CA ASP B 171 -3.08 28.01 11.67
C ASP B 171 -2.43 26.69 12.17
N GLU B 172 -3.14 25.84 12.90
CA GLU B 172 -2.54 24.61 13.49
C GLU B 172 -2.33 23.55 12.39
N VAL B 173 -3.23 23.45 11.40
CA VAL B 173 -3.03 22.60 10.18
C VAL B 173 -1.77 23.07 9.47
N ARG B 174 -1.63 24.38 9.28
CA ARG B 174 -0.48 25.02 8.63
C ARG B 174 0.78 24.68 9.44
N GLU B 175 0.72 24.79 10.77
CA GLU B 175 1.91 24.61 11.64
C GLU B 175 2.47 23.20 11.43
N GLU B 176 1.66 22.21 11.08
CA GLU B 176 2.16 20.83 10.79
C GLU B 176 3.25 20.83 9.71
N TYR B 177 3.17 21.69 8.69
CA TYR B 177 4.22 21.74 7.63
C TYR B 177 5.10 22.99 7.78
N LEU B 178 4.61 24.05 8.41
CA LEU B 178 5.39 25.31 8.58
C LEU B 178 6.60 25.07 9.50
N ILE B 179 6.52 24.11 10.44
CA ILE B 179 7.69 23.66 11.28
C ILE B 179 8.92 23.55 10.38
N PHE B 180 8.74 22.95 9.19
CA PHE B 180 9.83 22.44 8.32
C PHE B 180 10.21 23.46 7.25
N CYS B 181 9.84 24.74 7.43
CA CYS B 181 10.06 25.86 6.48
C CYS B 181 10.84 26.98 7.17
N PRO B 182 11.66 27.76 6.44
CA PRO B 182 12.19 29.00 6.98
C PRO B 182 11.04 29.93 7.40
N ARG B 183 11.18 30.63 8.53
CA ARG B 183 10.17 31.59 9.04
C ARG B 183 10.29 32.90 8.26
N THR B 184 11.52 33.35 8.00
CA THR B 184 11.80 34.64 7.29
C THR B 184 12.01 34.37 5.80
N PRO B 185 11.54 35.30 4.92
CA PRO B 185 11.67 35.18 3.47
C PRO B 185 12.97 34.53 3.00
N ARG B 186 12.88 33.33 2.40
CA ARG B 186 13.91 32.75 1.51
C ARG B 186 13.29 32.58 0.11
N LEU B 187 13.73 33.38 -0.85
CA LEU B 187 13.16 33.42 -2.23
C LEU B 187 14.27 33.02 -3.22
N ALA B 188 13.98 32.05 -4.10
CA ALA B 188 14.83 31.68 -5.25
C ALA B 188 14.78 32.83 -6.26
N PHE B 189 13.64 33.53 -6.28
CA PHE B 189 13.37 34.72 -7.11
C PHE B 189 13.13 35.90 -6.18
N PRO B 190 14.21 36.55 -5.66
CA PRO B 190 14.08 37.70 -4.75
C PRO B 190 13.87 39.05 -5.45
N GLU B 191 14.11 39.09 -6.77
CA GLU B 191 14.04 40.33 -7.58
C GLU B 191 12.62 40.91 -7.56
N GLU B 192 12.53 42.21 -7.83
CA GLU B 192 11.41 43.11 -7.47
C GLU B 192 10.13 42.71 -8.23
N ASP B 193 10.24 42.55 -9.55
CA ASP B 193 9.07 42.31 -10.43
C ASP B 193 9.28 41.01 -11.21
N SER B 194 9.42 39.89 -10.50
CA SER B 194 9.89 38.59 -11.03
C SER B 194 8.96 38.12 -12.14
N ASP B 195 9.54 37.78 -13.29
CA ASP B 195 8.90 36.97 -14.36
C ASP B 195 8.11 35.83 -13.71
N SER B 196 8.62 35.23 -12.62
CA SER B 196 7.95 34.09 -11.92
C SER B 196 6.53 34.46 -11.48
N LEU B 197 6.19 35.75 -11.34
CA LEU B 197 4.86 36.22 -10.83
C LEU B 197 4.03 36.92 -11.92
N LYS B 198 4.55 37.09 -13.14
CA LYS B 198 3.83 37.78 -14.25
C LYS B 198 2.58 36.96 -14.61
N LYS B 199 1.43 37.60 -14.77
CA LYS B 199 0.17 36.90 -15.17
C LYS B 199 0.33 36.36 -16.60
N ILE B 200 -0.35 35.25 -16.92
CA ILE B 200 -0.42 34.69 -18.29
C ILE B 200 -1.81 34.93 -18.87
N PRO B 201 -1.92 35.75 -19.94
CA PRO B 201 -3.18 35.93 -20.63
C PRO B 201 -3.48 34.70 -21.49
N LYS B 202 -4.75 34.58 -21.87
CA LYS B 202 -5.31 33.53 -22.76
C LYS B 202 -4.94 33.89 -24.19
N LEU B 203 -4.21 33.05 -24.93
CA LEU B 203 -3.84 33.41 -26.33
C LEU B 203 -5.11 33.38 -27.20
N GLU B 204 -5.13 34.23 -28.23
CA GLU B 204 -6.26 34.39 -29.19
C GLU B 204 -6.15 33.32 -30.28
N GLU B 205 -7.23 32.59 -30.52
CA GLU B 205 -7.36 31.65 -31.66
C GLU B 205 -7.49 32.47 -32.96
N PRO B 206 -6.95 32.00 -34.11
CA PRO B 206 -6.09 30.81 -34.18
C PRO B 206 -4.68 31.08 -33.64
N ALA B 207 -4.08 30.04 -33.08
CA ALA B 207 -2.68 30.04 -32.63
C ALA B 207 -1.77 29.99 -33.86
N GLN B 208 -0.60 30.61 -33.78
CA GLN B 208 0.43 30.55 -34.84
C GLN B 208 0.90 29.10 -35.01
N SER B 209 0.84 28.30 -33.94
CA SER B 209 1.46 26.97 -33.86
C SER B 209 0.61 26.07 -32.99
N SER B 210 0.44 24.79 -33.36
CA SER B 210 -0.45 23.86 -32.61
C SER B 210 -0.11 22.42 -32.95
N LYS B 211 -0.19 21.56 -31.93
CA LYS B 211 -0.26 20.09 -32.06
C LYS B 211 -1.63 19.66 -31.55
N LEU B 212 -2.44 19.05 -32.43
CA LEU B 212 -3.85 18.69 -32.12
C LEU B 212 -3.97 17.19 -31.83
N GLY B 213 -4.96 16.82 -31.00
CA GLY B 213 -5.37 15.43 -30.74
C GLY B 213 -4.28 14.65 -30.03
N LEU B 214 -3.59 15.28 -29.08
CA LEU B 214 -2.57 14.60 -28.24
C LEU B 214 -3.29 13.80 -27.16
N VAL B 215 -2.82 12.57 -26.92
CA VAL B 215 -3.41 11.61 -25.93
C VAL B 215 -2.33 11.17 -24.96
N PRO B 216 -2.59 11.12 -23.64
CA PRO B 216 -1.62 10.53 -22.72
C PRO B 216 -1.33 9.08 -23.13
N ARG B 217 -0.07 8.64 -23.01
CA ARG B 217 0.32 7.21 -23.08
C ARG B 217 0.25 6.63 -21.66
N ARG B 218 0.11 5.31 -21.50
CA ARG B 218 0.28 4.64 -20.17
C ARG B 218 1.52 5.13 -19.43
N ALA B 219 2.64 5.30 -20.14
CA ALA B 219 3.95 5.73 -19.58
C ALA B 219 3.90 7.16 -19.07
N ASP B 220 2.83 7.93 -19.34
CA ASP B 220 2.65 9.33 -18.85
C ASP B 220 1.85 9.35 -17.56
N LEU B 221 1.45 8.19 -17.04
CA LEU B 221 0.80 8.06 -15.71
C LEU B 221 1.86 7.70 -14.66
N ASP B 222 1.76 8.30 -13.47
CA ASP B 222 2.60 8.03 -12.27
C ASP B 222 2.09 6.80 -11.50
N MET B 223 2.62 6.59 -10.29
CA MET B 223 2.30 5.45 -9.37
C MET B 223 0.83 5.48 -8.93
N ASN B 224 0.15 6.63 -9.02
CA ASN B 224 -1.27 6.80 -8.60
C ASN B 224 -2.19 6.98 -9.82
N GLN B 225 -1.75 6.55 -10.99
CA GLN B 225 -2.56 6.55 -12.25
C GLN B 225 -2.93 7.98 -12.66
N HIS B 226 -2.11 8.98 -12.30
CA HIS B 226 -2.30 10.41 -12.69
C HIS B 226 -1.28 10.80 -13.78
N VAL B 227 -1.70 11.67 -14.70
CA VAL B 227 -0.82 12.28 -15.73
C VAL B 227 0.23 13.15 -15.02
N ASN B 228 1.52 12.91 -15.32
CA ASN B 228 2.66 13.63 -14.69
C ASN B 228 2.78 15.02 -15.31
N ASN B 229 3.08 16.04 -14.49
CA ASN B 229 3.44 17.44 -14.88
C ASN B 229 4.35 17.45 -16.11
N VAL B 230 5.35 16.57 -16.15
CA VAL B 230 6.40 16.54 -17.21
C VAL B 230 5.73 16.23 -18.56
N THR B 231 4.58 15.56 -18.53
CA THR B 231 3.78 15.31 -19.75
C THR B 231 3.36 16.66 -20.33
N TYR B 232 3.01 17.63 -19.48
CA TYR B 232 2.51 18.97 -19.89
C TYR B 232 3.65 19.80 -20.51
N ILE B 233 4.87 19.62 -20.02
CA ILE B 233 6.09 20.32 -20.50
C ILE B 233 6.40 19.82 -21.93
N GLY B 234 6.36 18.49 -22.16
CA GLY B 234 6.52 17.91 -23.51
C GLY B 234 5.49 18.42 -24.49
N TRP B 235 4.23 18.49 -24.08
CA TRP B 235 3.09 18.98 -24.90
C TRP B 235 3.24 20.47 -25.21
N VAL B 236 3.64 21.26 -24.22
CA VAL B 236 3.99 22.68 -24.44
C VAL B 236 5.05 22.73 -25.53
N LEU B 237 6.10 21.92 -25.41
CA LEU B 237 7.26 21.99 -26.35
C LEU B 237 6.84 21.51 -27.74
N GLU B 238 5.87 20.60 -27.85
CA GLU B 238 5.37 20.12 -29.16
C GLU B 238 4.76 21.29 -29.96
N SER B 239 4.25 22.33 -29.29
CA SER B 239 3.63 23.49 -29.97
C SER B 239 4.70 24.44 -30.52
N ILE B 240 5.98 24.27 -30.18
CA ILE B 240 7.03 25.24 -30.61
C ILE B 240 7.43 24.91 -32.04
N PRO B 241 7.47 25.92 -32.93
CA PRO B 241 7.88 25.69 -34.32
C PRO B 241 9.25 25.02 -34.36
N GLN B 242 9.41 24.06 -35.27
CA GLN B 242 10.69 23.33 -35.46
C GLN B 242 11.83 24.34 -35.64
N GLU B 243 11.58 25.45 -36.35
CA GLU B 243 12.60 26.47 -36.68
C GLU B 243 13.18 27.05 -35.37
N ILE B 244 12.34 27.23 -34.36
CA ILE B 244 12.76 27.80 -33.05
C ILE B 244 13.58 26.75 -32.31
N ILE B 245 13.15 25.48 -32.34
CA ILE B 245 13.86 24.37 -31.64
C ILE B 245 15.25 24.24 -32.24
N ASP B 246 15.40 24.42 -33.56
CA ASP B 246 16.66 24.23 -34.31
C ASP B 246 17.68 25.34 -33.99
N THR B 247 17.24 26.51 -33.52
CA THR B 247 18.10 27.73 -33.41
C THR B 247 18.11 28.31 -32.00
N HIS B 248 17.23 27.88 -31.09
CA HIS B 248 17.08 28.43 -29.71
C HIS B 248 16.97 27.30 -28.69
N GLU B 249 17.32 27.56 -27.42
CA GLU B 249 16.93 26.67 -26.30
C GLU B 249 16.12 27.49 -25.29
N LEU B 250 15.38 26.75 -24.47
CA LEU B 250 14.40 27.29 -23.50
C LEU B 250 15.15 27.80 -22.29
N GLN B 251 14.83 29.03 -21.89
CA GLN B 251 15.41 29.70 -20.69
C GLN B 251 14.37 29.70 -19.58
N THR B 252 13.11 29.99 -19.88
CA THR B 252 12.03 30.00 -18.85
C THR B 252 10.79 29.27 -19.38
N ILE B 253 10.09 28.60 -18.46
CA ILE B 253 8.73 28.04 -18.69
C ILE B 253 7.92 28.33 -17.42
N THR B 254 6.73 28.88 -17.62
CA THR B 254 5.72 29.19 -16.59
C THR B 254 4.48 28.43 -17.01
N LEU B 255 3.92 27.57 -16.17
CA LEU B 255 2.61 26.92 -16.41
C LEU B 255 1.68 27.29 -15.26
N ASP B 256 0.49 27.80 -15.58
CA ASP B 256 -0.67 27.86 -14.67
C ASP B 256 -1.61 26.70 -14.98
N TYR B 257 -1.82 25.83 -14.01
CA TYR B 257 -2.65 24.61 -14.12
C TYR B 257 -4.09 24.98 -13.73
N ARG B 258 -5.07 24.48 -14.48
CA ARG B 258 -6.53 24.69 -14.23
C ARG B 258 -7.18 23.33 -13.93
N ARG B 259 -6.90 22.32 -14.77
CA ARG B 259 -7.47 20.96 -14.68
C ARG B 259 -6.37 19.91 -14.82
N GLU B 260 -6.63 18.70 -14.34
CA GLU B 260 -5.85 17.49 -14.69
C GLU B 260 -6.33 16.98 -16.05
N CYS B 261 -5.41 16.62 -16.93
CA CYS B 261 -5.73 15.74 -18.08
C CYS B 261 -6.05 14.36 -17.51
N GLN B 262 -7.17 13.75 -17.92
CA GLN B 262 -7.54 12.35 -17.53
C GLN B 262 -6.92 11.40 -18.54
N HIS B 263 -6.79 10.13 -18.17
CA HIS B 263 -6.01 9.12 -18.94
C HIS B 263 -6.53 8.93 -20.37
N ASP B 264 -7.83 9.13 -20.62
CA ASP B 264 -8.40 8.99 -22.00
C ASP B 264 -8.95 10.34 -22.50
N ASP B 265 -8.39 11.46 -22.01
CA ASP B 265 -8.66 12.82 -22.54
C ASP B 265 -7.85 13.06 -23.83
N ILE B 266 -8.39 13.89 -24.72
CA ILE B 266 -7.73 14.30 -25.99
C ILE B 266 -7.50 15.81 -25.89
N VAL B 267 -6.29 16.25 -26.24
CA VAL B 267 -5.75 17.58 -25.84
C VAL B 267 -5.16 18.28 -27.07
N ASP B 268 -5.40 19.59 -27.18
CA ASP B 268 -4.73 20.48 -28.16
C ASP B 268 -3.72 21.38 -27.44
N SER B 269 -2.46 21.37 -27.88
CA SER B 269 -1.37 22.25 -27.37
C SER B 269 -1.18 23.39 -28.36
N LEU B 270 -1.53 24.63 -27.97
CA LEU B 270 -1.48 25.83 -28.84
C LEU B 270 -0.35 26.75 -28.38
N SER B 271 0.23 27.54 -29.28
CA SER B 271 1.21 28.59 -28.95
C SER B 271 1.13 29.74 -29.96
N SER B 272 1.46 30.96 -29.52
CA SER B 272 1.69 32.17 -30.33
C SER B 272 2.82 32.96 -29.67
N ARG B 273 3.60 33.70 -30.47
CA ARG B 273 4.61 34.66 -29.94
C ARG B 273 3.88 35.82 -29.28
N GLU B 274 4.45 36.39 -28.22
CA GLU B 274 4.04 37.71 -27.66
C GLU B 274 5.24 38.67 -27.68
N CYS B 293 13.05 35.30 -27.95
CA CYS B 293 11.61 35.26 -28.29
C CYS B 293 10.82 34.65 -27.12
N GLN B 294 9.57 35.11 -26.98
CA GLN B 294 8.58 34.63 -25.99
C GLN B 294 7.35 34.06 -26.70
N PHE B 295 6.81 32.96 -26.17
CA PHE B 295 5.57 32.29 -26.66
C PHE B 295 4.57 32.19 -25.51
N LEU B 296 3.29 32.46 -25.79
CA LEU B 296 2.14 32.07 -24.93
C LEU B 296 1.73 30.65 -25.32
N HIS B 297 1.24 29.90 -24.34
CA HIS B 297 0.83 28.49 -24.48
C HIS B 297 -0.56 28.31 -23.88
N PHE B 298 -1.33 27.41 -24.47
CA PHE B 298 -2.70 27.05 -24.05
C PHE B 298 -2.92 25.58 -24.37
N LEU B 299 -3.14 24.76 -23.34
CA LEU B 299 -3.57 23.34 -23.45
C LEU B 299 -5.07 23.27 -23.19
N LYS B 300 -5.84 22.72 -24.11
CA LYS B 300 -7.33 22.70 -24.08
C LYS B 300 -7.83 21.33 -24.51
N LEU B 301 -8.97 20.91 -23.98
CA LEU B 301 -9.61 19.62 -24.33
C LEU B 301 -10.23 19.76 -25.72
N SER B 302 -9.91 18.83 -26.62
CA SER B 302 -10.42 18.77 -28.03
C SER B 302 -11.95 18.79 -28.03
N GLY B 303 -12.59 17.95 -27.20
CA GLY B 303 -14.05 17.87 -27.10
C GLY B 303 -14.69 19.20 -26.74
N SER B 304 -14.49 19.66 -25.51
CA SER B 304 -15.23 20.77 -24.85
C SER B 304 -14.59 22.14 -25.07
N GLY B 305 -13.30 22.20 -25.46
CA GLY B 305 -12.50 23.44 -25.50
C GLY B 305 -12.04 23.94 -24.13
N LEU B 306 -12.28 23.20 -23.05
CA LEU B 306 -11.93 23.62 -21.65
C LEU B 306 -10.42 23.64 -21.43
N GLU B 307 -9.94 24.68 -20.75
CA GLU B 307 -8.50 24.89 -20.44
C GLU B 307 -8.01 23.75 -19.52
N ILE B 308 -6.91 23.09 -19.88
CA ILE B 308 -6.11 22.19 -19.00
C ILE B 308 -5.12 23.08 -18.25
N ASN B 309 -4.30 23.82 -19.01
CA ASN B 309 -3.39 24.85 -18.42
C ASN B 309 -3.01 25.87 -19.49
N ARG B 310 -2.27 26.89 -19.07
CA ARG B 310 -1.70 27.93 -19.96
C ARG B 310 -0.25 28.18 -19.53
N GLY B 311 0.51 28.85 -20.37
CA GLY B 311 1.97 28.88 -20.21
C GLY B 311 2.60 30.02 -20.95
N ARG B 312 3.83 30.31 -20.56
CA ARG B 312 4.78 31.24 -21.22
C ARG B 312 6.13 30.52 -21.31
N THR B 313 6.77 30.53 -22.49
CA THR B 313 8.19 30.13 -22.65
C THR B 313 8.99 31.34 -23.15
N GLN B 314 10.25 31.41 -22.71
CA GLN B 314 11.28 32.38 -23.15
C GLN B 314 12.50 31.59 -23.67
N TRP B 315 12.96 31.98 -24.85
CA TRP B 315 14.01 31.26 -25.62
C TRP B 315 15.19 32.19 -25.85
N ARG B 316 16.38 31.62 -25.89
CA ARG B 316 17.62 32.34 -26.24
C ARG B 316 18.24 31.62 -27.45
N ARG B 317 18.87 32.38 -28.34
CA ARG B 317 19.55 31.83 -29.54
C ARG B 317 20.75 31.01 -29.06
N LEU B 318 20.93 29.82 -29.64
CA LEU B 318 22.17 29.01 -29.46
C LEU B 318 23.32 29.65 -30.25
N LEU C 32 -6.24 -28.22 28.15
CA LEU C 32 -7.69 -28.58 28.19
C LEU C 32 -8.37 -27.98 26.95
N ARG C 33 -7.85 -28.26 25.75
CA ARG C 33 -8.13 -27.53 24.49
C ARG C 33 -9.46 -27.98 23.86
N LEU C 34 -9.78 -29.27 23.93
CA LEU C 34 -10.81 -29.94 23.09
C LEU C 34 -10.54 -29.61 21.61
N GLY C 35 -9.29 -29.80 21.16
CA GLY C 35 -8.85 -29.49 19.78
C GLY C 35 -7.76 -30.44 19.30
N SER C 36 -8.03 -31.25 18.27
CA SER C 36 -7.23 -32.46 17.97
C SER C 36 -7.37 -32.88 16.50
N LEU C 37 -6.28 -33.36 15.91
CA LEU C 37 -6.29 -34.18 14.67
C LEU C 37 -7.31 -35.31 14.86
N GLU C 38 -8.01 -35.67 13.77
CA GLU C 38 -8.86 -36.88 13.68
C GLU C 38 -7.98 -38.12 13.65
N PRO C 39 -8.56 -39.32 13.89
CA PRO C 39 -7.80 -40.56 14.00
C PRO C 39 -6.86 -40.80 12.80
N ASP C 40 -7.34 -40.56 11.59
CA ASP C 40 -6.56 -40.76 10.34
C ASP C 40 -5.47 -39.70 10.20
N GLY C 41 -5.47 -38.64 11.02
CA GLY C 41 -4.45 -37.56 11.01
C GLY C 41 -4.55 -36.63 9.79
N LEU C 42 -5.69 -36.62 9.07
CA LEU C 42 -5.81 -35.91 7.76
C LEU C 42 -6.81 -34.75 7.83
N SER C 43 -7.44 -34.55 8.99
CA SER C 43 -8.33 -33.39 9.28
C SER C 43 -8.24 -33.11 10.77
N TYR C 44 -8.72 -31.93 11.20
CA TYR C 44 -8.56 -31.38 12.56
C TYR C 44 -9.90 -30.81 13.02
N LYS C 45 -10.32 -31.09 14.25
CA LYS C 45 -11.62 -30.63 14.79
C LYS C 45 -11.36 -29.86 16.07
N GLU C 46 -12.12 -28.79 16.28
CA GLU C 46 -12.03 -27.95 17.49
C GLU C 46 -13.43 -27.38 17.77
N SER C 47 -13.81 -27.34 19.04
CA SER C 47 -15.12 -26.82 19.52
C SER C 47 -14.90 -25.47 20.23
N PHE C 48 -15.89 -24.59 20.10
CA PHE C 48 -15.88 -23.22 20.66
C PHE C 48 -17.23 -22.97 21.33
N ILE C 49 -17.21 -22.37 22.51
CA ILE C 49 -18.44 -21.90 23.21
C ILE C 49 -18.55 -20.42 22.92
N VAL C 50 -19.62 -20.01 22.21
CA VAL C 50 -19.81 -18.62 21.72
C VAL C 50 -19.92 -17.70 22.93
N ARG C 51 -19.21 -16.58 22.91
CA ARG C 51 -19.09 -15.66 24.07
C ARG C 51 -19.99 -14.44 23.83
N SER C 52 -20.40 -13.80 24.91
CA SER C 52 -21.31 -12.62 24.92
C SER C 52 -20.80 -11.55 23.96
N TYR C 53 -19.49 -11.27 23.98
CA TYR C 53 -18.89 -10.15 23.20
C TYR C 53 -18.72 -10.53 21.73
N GLU C 54 -18.97 -11.80 21.37
CA GLU C 54 -18.76 -12.32 19.99
C GLU C 54 -20.05 -12.16 19.16
N VAL C 55 -21.19 -11.83 19.80
CA VAL C 55 -22.50 -11.67 19.09
C VAL C 55 -22.74 -10.20 18.78
N GLY C 56 -23.48 -9.93 17.71
CA GLY C 56 -23.84 -8.58 17.25
C GLY C 56 -25.32 -8.29 17.41
N VAL C 57 -25.83 -7.36 16.59
CA VAL C 57 -27.19 -6.77 16.72
C VAL C 57 -28.26 -7.87 16.73
N ASN C 58 -28.09 -8.93 15.93
CA ASN C 58 -29.10 -10.00 15.75
C ASN C 58 -28.97 -11.08 16.84
N LYS C 59 -28.17 -10.82 17.88
CA LYS C 59 -28.04 -11.66 19.11
C LYS C 59 -27.37 -13.01 18.77
N THR C 60 -26.58 -13.03 17.71
CA THR C 60 -25.84 -14.22 17.20
C THR C 60 -24.43 -13.79 16.79
N ALA C 61 -23.50 -14.75 16.69
CA ALA C 61 -22.07 -14.56 16.42
C ALA C 61 -21.91 -13.77 15.11
N THR C 62 -21.12 -12.70 15.15
CA THR C 62 -20.85 -11.83 13.99
C THR C 62 -20.07 -12.65 12.95
N VAL C 63 -20.12 -12.22 11.69
CA VAL C 63 -19.31 -12.80 10.59
C VAL C 63 -17.83 -12.77 11.01
N GLU C 64 -17.37 -11.69 11.62
CA GLU C 64 -15.95 -11.52 12.05
C GLU C 64 -15.58 -12.62 13.06
N THR C 65 -16.40 -12.87 14.08
CA THR C 65 -16.19 -13.99 15.02
C THR C 65 -16.03 -15.30 14.24
N ILE C 66 -16.92 -15.59 13.30
CA ILE C 66 -16.88 -16.84 12.49
C ILE C 66 -15.52 -16.89 11.79
N ALA C 67 -15.17 -15.85 11.06
CA ALA C 67 -13.92 -15.78 10.28
C ALA C 67 -12.74 -16.07 11.22
N ASN C 68 -12.73 -15.46 12.40
CA ASN C 68 -11.64 -15.63 13.40
C ASN C 68 -11.58 -17.09 13.89
N LEU C 69 -12.73 -17.76 14.08
CA LEU C 69 -12.77 -19.17 14.52
C LEU C 69 -12.22 -20.10 13.41
N LEU C 70 -12.52 -19.80 12.14
CA LEU C 70 -12.00 -20.57 10.98
C LEU C 70 -10.47 -20.46 10.97
N GLN C 71 -9.96 -19.26 11.12
CA GLN C 71 -8.51 -18.99 11.21
C GLN C 71 -7.92 -19.75 12.39
N GLU C 72 -8.56 -19.66 13.56
CA GLU C 72 -8.02 -20.26 14.81
C GLU C 72 -7.79 -21.75 14.57
N VAL C 73 -8.77 -22.43 13.97
CA VAL C 73 -8.72 -23.91 13.81
C VAL C 73 -7.66 -24.26 12.73
N GLY C 74 -7.51 -23.41 11.71
CA GLY C 74 -6.43 -23.51 10.72
C GLY C 74 -5.07 -23.48 11.38
N CYS C 75 -4.79 -22.46 12.20
CA CYS C 75 -3.51 -22.27 12.94
C CYS C 75 -3.24 -23.50 13.84
N ASN C 76 -4.23 -23.98 14.58
CA ASN C 76 -4.05 -25.13 15.50
C ASN C 76 -3.72 -26.37 14.67
N HIS C 77 -4.43 -26.58 13.57
CA HIS C 77 -4.16 -27.68 12.60
C HIS C 77 -2.70 -27.60 12.13
N ALA C 78 -2.28 -26.42 11.69
CA ALA C 78 -0.91 -26.21 11.19
C ALA C 78 0.09 -26.62 12.30
N GLN C 79 -0.11 -26.16 13.52
CA GLN C 79 0.78 -26.46 14.68
C GLN C 79 0.77 -27.97 14.99
N SER C 80 -0.38 -28.63 14.90
CA SER C 80 -0.54 -30.08 15.24
C SER C 80 0.25 -30.99 14.29
N VAL C 81 0.55 -30.56 13.06
CA VAL C 81 1.36 -31.37 12.09
C VAL C 81 2.71 -30.69 11.81
N GLY C 82 3.09 -29.70 12.61
CA GLY C 82 4.49 -29.25 12.79
C GLY C 82 4.93 -28.20 11.80
N PHE C 83 4.01 -27.43 11.21
CA PHE C 83 4.36 -26.28 10.34
C PHE C 83 4.69 -25.07 11.22
N SER C 84 5.07 -23.94 10.61
CA SER C 84 5.09 -22.57 11.20
C SER C 84 5.67 -21.55 10.22
N GLY C 87 3.00 -18.34 12.30
CA GLY C 87 1.81 -17.70 11.72
C GLY C 87 1.80 -17.65 10.20
N PHE C 88 2.68 -18.37 9.49
CA PHE C 88 2.77 -18.36 8.00
C PHE C 88 2.52 -19.76 7.41
N ALA C 89 2.35 -20.80 8.25
CA ALA C 89 2.13 -22.21 7.85
C ALA C 89 3.13 -22.64 6.76
N THR C 90 4.41 -22.35 6.95
CA THR C 90 5.47 -22.74 5.98
C THR C 90 5.99 -24.15 6.30
N THR C 91 6.51 -24.79 5.26
CA THR C 91 7.33 -26.03 5.29
C THR C 91 8.80 -25.66 5.21
N THR C 92 9.68 -26.63 5.49
CA THR C 92 11.15 -26.47 5.44
C THR C 92 11.53 -25.79 4.13
N THR C 93 11.13 -26.39 3.01
CA THR C 93 11.61 -26.04 1.66
C THR C 93 10.97 -24.70 1.27
N MET C 94 9.73 -24.41 1.71
CA MET C 94 9.11 -23.06 1.49
C MET C 94 10.01 -21.97 2.09
N ARG C 95 10.43 -22.12 3.35
CA ARG C 95 11.31 -21.14 4.02
C ARG C 95 12.61 -21.01 3.22
N LEU C 96 13.09 -22.13 2.69
CA LEU C 96 14.34 -22.23 1.89
C LEU C 96 14.19 -21.43 0.57
N LEU C 97 13.05 -21.55 -0.11
CA LEU C 97 12.80 -20.87 -1.42
C LEU C 97 12.20 -19.48 -1.21
N ARG C 98 12.06 -19.04 0.03
CA ARG C 98 11.56 -17.69 0.40
C ARG C 98 10.13 -17.57 -0.13
N LEU C 99 9.33 -18.60 0.14
CA LEU C 99 7.92 -18.70 -0.30
C LEU C 99 7.03 -18.61 0.93
N ILE C 100 5.85 -17.99 0.76
CA ILE C 100 4.77 -17.93 1.81
C ILE C 100 3.43 -18.21 1.15
N TRP C 101 2.48 -18.69 1.95
CA TRP C 101 1.07 -18.90 1.54
C TRP C 101 0.39 -17.56 1.46
N VAL C 102 -0.38 -17.32 0.41
CA VAL C 102 -1.28 -16.14 0.36
C VAL C 102 -2.67 -16.62 -0.07
N THR C 103 -3.69 -16.06 0.57
CA THR C 103 -5.09 -16.28 0.19
C THR C 103 -5.33 -15.58 -1.15
N ALA C 104 -5.82 -16.33 -2.13
CA ALA C 104 -6.42 -15.81 -3.39
C ALA C 104 -7.93 -15.63 -3.18
N ARG C 105 -8.61 -16.63 -2.60
CA ARG C 105 -10.07 -16.55 -2.36
C ARG C 105 -10.44 -17.15 -1.01
N MET C 106 -11.39 -16.51 -0.32
CA MET C 106 -12.09 -16.96 0.90
C MET C 106 -13.59 -16.98 0.58
N HIS C 107 -14.29 -18.07 0.90
CA HIS C 107 -15.76 -18.19 0.75
C HIS C 107 -16.38 -18.78 2.02
N ILE C 108 -17.30 -18.05 2.65
CA ILE C 108 -18.04 -18.49 3.85
C ILE C 108 -19.55 -18.52 3.58
N GLU C 109 -20.18 -19.64 3.94
CA GLU C 109 -21.65 -19.81 3.93
C GLU C 109 -22.07 -20.09 5.38
N ILE C 110 -22.90 -19.22 5.97
CA ILE C 110 -23.54 -19.49 7.29
C ILE C 110 -25.04 -19.65 7.06
N TYR C 111 -25.56 -20.82 7.39
CA TYR C 111 -26.99 -21.20 7.29
C TYR C 111 -27.70 -20.79 8.57
N LYS C 112 -26.99 -20.82 9.69
CA LYS C 112 -27.54 -20.35 10.99
C LYS C 112 -26.37 -19.88 11.87
N TYR C 113 -26.46 -18.63 12.34
CA TYR C 113 -25.50 -18.03 13.29
C TYR C 113 -25.77 -18.59 14.67
N PRO C 114 -24.73 -19.13 15.37
CA PRO C 114 -24.89 -19.59 16.74
C PRO C 114 -25.08 -18.42 17.72
N ALA C 115 -25.89 -18.65 18.76
CA ALA C 115 -26.16 -17.68 19.83
C ALA C 115 -25.10 -17.85 20.93
N TRP C 116 -25.11 -16.95 21.90
CA TRP C 116 -24.25 -16.98 23.12
C TRP C 116 -24.51 -18.26 23.89
N GLY C 117 -23.46 -19.01 24.25
CA GLY C 117 -23.54 -20.28 24.99
C GLY C 117 -23.60 -21.50 24.09
N ASP C 118 -23.86 -21.32 22.79
CA ASP C 118 -23.90 -22.45 21.82
C ASP C 118 -22.48 -22.96 21.60
N VAL C 119 -22.31 -24.27 21.66
CA VAL C 119 -21.04 -24.95 21.32
C VAL C 119 -21.07 -25.21 19.82
N VAL C 120 -20.04 -24.79 19.09
CA VAL C 120 -19.89 -25.12 17.65
C VAL C 120 -18.66 -26.00 17.48
N GLU C 121 -18.72 -26.99 16.60
CA GLU C 121 -17.57 -27.83 16.23
C GLU C 121 -17.15 -27.51 14.80
N ILE C 122 -15.86 -27.21 14.59
CA ILE C 122 -15.31 -26.89 13.26
C ILE C 122 -14.29 -27.96 12.87
N GLU C 123 -14.56 -28.66 11.78
CA GLU C 123 -13.61 -29.58 11.13
C GLU C 123 -12.96 -28.84 9.96
N THR C 124 -11.65 -28.97 9.81
CA THR C 124 -10.90 -28.30 8.74
C THR C 124 -9.90 -29.30 8.19
N TRP C 125 -9.61 -29.18 6.90
CA TRP C 125 -8.61 -30.03 6.21
C TRP C 125 -8.14 -29.25 4.99
N CYS C 126 -7.00 -29.63 4.43
CA CYS C 126 -6.42 -29.02 3.22
C CYS C 126 -6.42 -30.05 2.09
N GLN C 127 -6.35 -29.57 0.87
CA GLN C 127 -6.33 -30.44 -0.34
C GLN C 127 -5.67 -29.66 -1.49
N GLU C 128 -4.88 -30.40 -2.27
CA GLU C 128 -4.28 -29.97 -3.56
C GLU C 128 -5.39 -29.39 -4.43
N ASP C 129 -5.15 -28.23 -5.04
CA ASP C 129 -6.15 -27.56 -5.91
C ASP C 129 -5.48 -27.20 -7.24
N GLY C 130 -5.61 -28.09 -8.23
CA GLY C 130 -5.02 -27.92 -9.58
C GLY C 130 -3.50 -27.95 -9.52
N LYS C 131 -2.84 -27.15 -10.37
CA LYS C 131 -1.38 -27.18 -10.62
C LYS C 131 -0.67 -26.05 -9.86
N ILE C 132 -1.41 -25.10 -9.28
CA ILE C 132 -0.79 -23.96 -8.53
C ILE C 132 -1.32 -23.86 -7.11
N GLY C 133 -2.53 -24.38 -6.83
CA GLY C 133 -3.36 -23.99 -5.67
C GLY C 133 -3.45 -25.06 -4.60
N THR C 134 -3.65 -24.64 -3.36
CA THR C 134 -4.09 -25.52 -2.25
C THR C 134 -5.38 -24.96 -1.68
N ARG C 135 -6.30 -25.82 -1.28
CA ARG C 135 -7.56 -25.42 -0.59
C ARG C 135 -7.44 -25.75 0.89
N ARG C 136 -8.00 -24.86 1.73
CA ARG C 136 -8.47 -25.21 3.10
C ARG C 136 -9.99 -25.12 3.10
N ASP C 137 -10.64 -26.21 3.53
CA ASP C 137 -12.12 -26.28 3.71
C ASP C 137 -12.43 -26.36 5.21
N TRP C 138 -13.61 -25.87 5.59
CA TRP C 138 -14.14 -26.01 6.97
C TRP C 138 -15.60 -26.46 6.89
N ILE C 139 -16.05 -27.23 7.88
CA ILE C 139 -17.49 -27.52 8.14
C ILE C 139 -17.78 -27.09 9.57
N ILE C 140 -18.84 -26.30 9.75
CA ILE C 140 -19.28 -25.77 11.07
C ILE C 140 -20.55 -26.53 11.44
N LYS C 141 -20.54 -27.20 12.59
CA LYS C 141 -21.71 -27.95 13.14
C LYS C 141 -22.08 -27.37 14.50
N ASP C 142 -23.39 -27.24 14.77
CA ASP C 142 -23.92 -27.14 16.15
C ASP C 142 -23.53 -28.44 16.87
N TYR C 143 -22.70 -28.36 17.92
CA TYR C 143 -22.14 -29.55 18.61
C TYR C 143 -23.28 -30.40 19.19
N SER C 144 -24.31 -29.76 19.72
CA SER C 144 -25.46 -30.40 20.39
C SER C 144 -26.24 -31.31 19.42
N THR C 145 -26.51 -30.86 18.19
CA THR C 145 -27.41 -31.54 17.23
C THR C 145 -26.62 -32.31 16.16
N GLY C 146 -25.35 -31.97 15.95
CA GLY C 146 -24.53 -32.49 14.83
C GLY C 146 -25.05 -31.97 13.48
N VAL C 147 -25.82 -30.89 13.48
CA VAL C 147 -26.35 -30.26 12.23
C VAL C 147 -25.28 -29.30 11.70
N VAL C 148 -25.04 -29.33 10.39
CA VAL C 148 -24.14 -28.36 9.68
C VAL C 148 -24.89 -27.02 9.65
N ILE C 149 -24.31 -25.98 10.22
CA ILE C 149 -24.89 -24.59 10.25
C ILE C 149 -24.04 -23.67 9.35
N GLY C 150 -22.93 -24.16 8.84
CA GLY C 150 -22.04 -23.38 7.98
C GLY C 150 -20.91 -24.19 7.41
N ARG C 151 -20.27 -23.63 6.37
CA ARG C 151 -19.15 -24.25 5.62
C ARG C 151 -18.35 -23.14 4.95
N ALA C 152 -17.03 -23.31 4.85
CA ALA C 152 -16.14 -22.31 4.22
C ALA C 152 -15.13 -23.06 3.38
N THR C 153 -14.61 -22.40 2.36
CA THR C 153 -13.47 -22.90 1.56
C THR C 153 -12.60 -21.70 1.21
N SER C 154 -11.32 -21.96 0.98
CA SER C 154 -10.30 -20.94 0.67
C SER C 154 -9.29 -21.51 -0.30
N LYS C 155 -8.83 -20.69 -1.25
CA LYS C 155 -7.79 -21.01 -2.24
C LYS C 155 -6.54 -20.20 -1.90
N TRP C 156 -5.42 -20.91 -1.83
CA TRP C 156 -4.10 -20.40 -1.41
C TRP C 156 -3.13 -20.67 -2.56
N VAL C 157 -2.22 -19.73 -2.76
CA VAL C 157 -1.10 -19.84 -3.74
C VAL C 157 0.19 -19.55 -2.97
N MET C 158 1.31 -20.07 -3.46
CA MET C 158 2.66 -19.75 -2.98
C MET C 158 3.14 -18.48 -3.70
N MET C 159 3.73 -17.59 -2.92
CA MET C 159 4.29 -16.31 -3.41
C MET C 159 5.72 -16.19 -2.87
N ASN C 160 6.65 -15.82 -3.76
CA ASN C 160 8.02 -15.36 -3.42
C ASN C 160 7.88 -14.06 -2.60
N GLN C 161 8.29 -14.07 -1.32
CA GLN C 161 8.09 -12.90 -0.42
C GLN C 161 8.90 -11.68 -0.91
N ASP C 162 9.98 -11.89 -1.67
CA ASP C 162 10.85 -10.80 -2.20
C ASP C 162 10.21 -10.14 -3.42
N THR C 163 9.64 -10.90 -4.34
CA THR C 163 9.19 -10.43 -5.67
C THR C 163 7.66 -10.25 -5.72
N ARG C 164 6.92 -10.80 -4.76
CA ARG C 164 5.43 -10.77 -4.70
C ARG C 164 4.82 -11.53 -5.90
N ARG C 165 5.61 -12.35 -6.62
CA ARG C 165 5.13 -13.18 -7.76
C ARG C 165 4.63 -14.53 -7.23
N LEU C 166 3.59 -15.05 -7.87
CA LEU C 166 3.17 -16.48 -7.79
C LEU C 166 4.34 -17.35 -8.25
N GLN C 167 4.75 -18.34 -7.44
CA GLN C 167 5.85 -19.29 -7.76
C GLN C 167 5.31 -20.73 -7.68
N ARG C 168 5.23 -21.39 -8.83
CA ARG C 168 5.01 -22.85 -8.94
C ARG C 168 6.21 -23.57 -8.31
N VAL C 169 5.98 -24.70 -7.65
CA VAL C 169 7.05 -25.55 -7.02
C VAL C 169 6.91 -26.97 -7.59
N ASN C 170 7.95 -27.80 -7.44
CA ASN C 170 7.96 -29.21 -7.94
C ASN C 170 7.15 -30.08 -6.96
N ASP C 171 6.99 -31.37 -7.30
CA ASP C 171 6.11 -32.33 -6.57
C ASP C 171 6.67 -32.64 -5.16
N GLU C 172 7.99 -32.59 -4.95
CA GLU C 172 8.59 -32.97 -3.64
C GLU C 172 8.34 -31.85 -2.61
N VAL C 173 8.39 -30.58 -3.01
CA VAL C 173 7.97 -29.42 -2.15
C VAL C 173 6.51 -29.63 -1.73
N ARG C 174 5.65 -29.96 -2.69
CA ARG C 174 4.20 -30.24 -2.47
C ARG C 174 4.07 -31.40 -1.48
N GLU C 175 4.84 -32.47 -1.67
CA GLU C 175 4.72 -33.70 -0.85
C GLU C 175 4.94 -33.35 0.63
N GLU C 176 5.73 -32.32 0.96
CA GLU C 176 5.95 -31.89 2.38
C GLU C 176 4.62 -31.56 3.09
N TYR C 177 3.62 -31.00 2.41
CA TYR C 177 2.31 -30.67 3.03
C TYR C 177 1.23 -31.64 2.55
N LEU C 178 1.37 -32.24 1.37
CA LEU C 178 0.34 -33.16 0.83
C LEU C 178 0.26 -34.44 1.69
N ILE C 179 1.33 -34.84 2.39
CA ILE C 179 1.31 -35.94 3.41
C ILE C 179 0.05 -35.80 4.26
N PHE C 180 -0.26 -34.56 4.67
CA PHE C 180 -1.21 -34.22 5.77
C PHE C 180 -2.59 -33.85 5.20
N CYS C 181 -2.87 -34.24 3.96
CA CYS C 181 -4.11 -33.98 3.20
C CYS C 181 -4.72 -35.30 2.73
N PRO C 182 -6.05 -35.42 2.60
CA PRO C 182 -6.62 -36.55 1.87
C PRO C 182 -6.12 -36.55 0.42
N ARG C 183 -5.82 -37.73 -0.15
CA ARG C 183 -5.43 -37.88 -1.58
C ARG C 183 -6.67 -37.72 -2.47
N THR C 184 -7.82 -38.27 -2.08
CA THR C 184 -9.06 -38.27 -2.91
C THR C 184 -9.97 -37.10 -2.50
N PRO C 185 -10.67 -36.50 -3.48
CA PRO C 185 -11.56 -35.35 -3.24
C PRO C 185 -12.36 -35.43 -1.93
N ARG C 186 -12.07 -34.52 -1.00
CA ARG C 186 -12.96 -34.12 0.13
C ARG C 186 -13.28 -32.62 -0.06
N LEU C 187 -14.53 -32.31 -0.41
CA LEU C 187 -15.00 -30.94 -0.73
C LEU C 187 -16.10 -30.55 0.26
N ALA C 188 -15.97 -29.38 0.90
CA ALA C 188 -17.02 -28.76 1.73
C ALA C 188 -18.15 -28.30 0.80
N PHE C 189 -17.76 -27.96 -0.42
CA PHE C 189 -18.65 -27.54 -1.52
C PHE C 189 -18.50 -28.56 -2.65
N PRO C 190 -19.20 -29.73 -2.57
CA PRO C 190 -19.12 -30.77 -3.61
C PRO C 190 -20.06 -30.53 -4.81
N GLU C 191 -21.01 -29.62 -4.67
CA GLU C 191 -22.02 -29.31 -5.72
C GLU C 191 -21.32 -28.80 -6.99
N GLU C 192 -21.99 -28.98 -8.13
CA GLU C 192 -21.43 -29.00 -9.51
C GLU C 192 -20.84 -27.63 -9.88
N ASP C 193 -21.65 -26.58 -9.72
CA ASP C 193 -21.29 -25.21 -10.13
C ASP C 193 -21.41 -24.29 -8.90
N SER C 194 -20.58 -24.56 -7.90
CA SER C 194 -20.61 -23.93 -6.55
C SER C 194 -20.46 -22.42 -6.69
N ASP C 195 -21.35 -21.69 -6.05
CA ASP C 195 -21.17 -20.24 -5.74
C ASP C 195 -19.72 -19.99 -5.29
N SER C 196 -19.11 -20.92 -4.56
CA SER C 196 -17.71 -20.78 -4.04
C SER C 196 -16.71 -20.58 -5.19
N LEU C 197 -17.06 -20.94 -6.44
CA LEU C 197 -16.14 -20.86 -7.62
C LEU C 197 -16.59 -19.81 -8.64
N LYS C 198 -17.72 -19.13 -8.43
CA LYS C 198 -18.24 -18.12 -9.38
C LYS C 198 -17.25 -16.95 -9.45
N LYS C 199 -16.92 -16.46 -10.64
CA LYS C 199 -16.03 -15.27 -10.83
C LYS C 199 -16.73 -14.03 -10.25
N ILE C 200 -15.94 -13.07 -9.78
CA ILE C 200 -16.44 -11.75 -9.29
C ILE C 200 -16.03 -10.68 -10.29
N PRO C 201 -17.01 -10.04 -10.99
CA PRO C 201 -16.73 -8.93 -11.86
C PRO C 201 -16.43 -7.68 -11.01
N LYS C 202 -15.79 -6.71 -11.66
CA LYS C 202 -15.46 -5.37 -11.11
C LYS C 202 -16.72 -4.53 -11.14
N LEU C 203 -17.21 -4.03 -10.00
CA LEU C 203 -18.44 -3.19 -10.02
C LEU C 203 -18.12 -1.87 -10.72
N GLU C 204 -19.13 -1.29 -11.38
CA GLU C 204 -19.05 0.00 -12.11
C GLU C 204 -19.23 1.17 -11.15
N GLU C 205 -18.31 2.13 -11.21
CA GLU C 205 -18.41 3.42 -10.49
C GLU C 205 -19.48 4.27 -11.16
N PRO C 206 -20.26 5.10 -10.42
CA PRO C 206 -20.27 5.09 -8.96
C PRO C 206 -21.00 3.88 -8.38
N ALA C 207 -20.56 3.45 -7.21
CA ALA C 207 -21.19 2.41 -6.40
C ALA C 207 -22.48 2.96 -5.79
N GLN C 208 -23.50 2.12 -5.64
CA GLN C 208 -24.76 2.49 -4.96
C GLN C 208 -24.47 2.88 -3.50
N SER C 209 -23.42 2.31 -2.92
CA SER C 209 -23.15 2.38 -1.46
C SER C 209 -21.63 2.42 -1.24
N SER C 210 -21.13 3.24 -0.33
CA SER C 210 -19.67 3.44 -0.15
C SER C 210 -19.35 4.05 1.21
N LYS C 211 -18.27 3.54 1.81
CA LYS C 211 -17.62 4.11 3.02
C LYS C 211 -16.21 4.50 2.57
N LEU C 212 -15.87 5.79 2.62
CA LEU C 212 -14.61 6.33 2.05
C LEU C 212 -13.61 6.64 3.18
N GLY C 213 -12.31 6.56 2.85
CA GLY C 213 -11.21 7.04 3.72
C GLY C 213 -11.10 6.20 4.98
N LEU C 214 -11.31 4.89 4.87
CA LEU C 214 -11.13 3.93 5.98
C LEU C 214 -9.64 3.66 6.17
N VAL C 215 -9.19 3.64 7.43
CA VAL C 215 -7.76 3.47 7.80
C VAL C 215 -7.64 2.31 8.79
N PRO C 216 -6.65 1.41 8.64
CA PRO C 216 -6.41 0.39 9.64
C PRO C 216 -6.13 1.06 11.00
N ARG C 217 -6.65 0.46 12.08
CA ARG C 217 -6.22 0.79 13.46
C ARG C 217 -5.07 -0.14 13.82
N ARG C 218 -4.24 0.23 14.80
CA ARG C 218 -3.22 -0.68 15.39
C ARG C 218 -3.82 -2.07 15.70
N ALA C 219 -5.04 -2.12 16.24
CA ALA C 219 -5.71 -3.37 16.69
C ALA C 219 -6.12 -4.22 15.48
N ASP C 220 -5.99 -3.74 14.25
CA ASP C 220 -6.27 -4.49 13.00
C ASP C 220 -5.00 -5.18 12.48
N LEU C 221 -3.86 -5.00 13.16
CA LEU C 221 -2.61 -5.71 12.83
C LEU C 221 -2.47 -6.95 13.72
N ASP C 222 -2.02 -8.06 13.14
CA ASP C 222 -1.77 -9.37 13.83
C ASP C 222 -0.39 -9.37 14.49
N MET C 223 0.07 -10.56 14.93
CA MET C 223 1.38 -10.82 15.61
C MET C 223 2.57 -10.46 14.70
N ASN C 224 2.39 -10.40 13.38
CA ASN C 224 3.47 -10.11 12.40
C ASN C 224 3.28 -8.72 11.76
N GLN C 225 2.50 -7.84 12.40
CA GLN C 225 2.28 -6.44 11.96
C GLN C 225 1.59 -6.39 10.58
N HIS C 226 0.78 -7.40 10.25
CA HIS C 226 -0.03 -7.47 9.00
C HIS C 226 -1.49 -7.19 9.33
N VAL C 227 -2.18 -6.54 8.40
CA VAL C 227 -3.66 -6.31 8.44
C VAL C 227 -4.36 -7.67 8.37
N ASN C 228 -5.24 -7.96 9.32
CA ASN C 228 -5.99 -9.24 9.39
C ASN C 228 -7.11 -9.23 8.35
N ASN C 229 -7.32 -10.38 7.68
CA ASN C 229 -8.46 -10.68 6.76
C ASN C 229 -9.77 -10.15 7.34
N VAL C 230 -10.00 -10.33 8.64
CA VAL C 230 -11.28 -9.99 9.32
C VAL C 230 -11.49 -8.47 9.24
N THR C 231 -10.41 -7.71 9.11
CA THR C 231 -10.51 -6.24 8.90
C THR C 231 -11.26 -6.00 7.58
N TYR C 232 -10.99 -6.82 6.55
CA TYR C 232 -11.57 -6.68 5.19
C TYR C 232 -13.07 -7.03 5.20
N ILE C 233 -13.46 -7.96 6.07
CA ILE C 233 -14.88 -8.40 6.23
C ILE C 233 -15.67 -7.25 6.85
N GLY C 234 -15.16 -6.61 7.90
CA GLY C 234 -15.76 -5.41 8.51
C GLY C 234 -15.94 -4.28 7.50
N TRP C 235 -14.91 -4.01 6.71
CA TRP C 235 -14.91 -2.95 5.67
C TRP C 235 -15.91 -3.25 4.56
N VAL C 236 -15.96 -4.51 4.11
CA VAL C 236 -17.02 -4.98 3.16
C VAL C 236 -18.38 -4.66 3.80
N LEU C 237 -18.58 -5.01 5.07
CA LEU C 237 -19.90 -4.85 5.73
C LEU C 237 -20.25 -3.36 5.91
N GLU C 238 -19.25 -2.50 6.08
CA GLU C 238 -19.47 -1.03 6.19
C GLU C 238 -20.14 -0.47 4.94
N SER C 239 -19.94 -1.11 3.78
CA SER C 239 -20.51 -0.63 2.50
C SER C 239 -21.98 -1.04 2.38
N ILE C 240 -22.51 -1.89 3.28
CA ILE C 240 -23.91 -2.38 3.16
C ILE C 240 -24.84 -1.31 3.72
N PRO C 241 -25.90 -0.96 2.98
CA PRO C 241 -26.86 0.03 3.47
C PRO C 241 -27.40 -0.41 4.83
N GLN C 242 -27.57 0.57 5.74
CA GLN C 242 -28.13 0.34 7.08
C GLN C 242 -29.47 -0.41 6.97
N GLU C 243 -30.27 -0.08 5.94
CA GLU C 243 -31.63 -0.67 5.72
C GLU C 243 -31.51 -2.19 5.58
N ILE C 244 -30.47 -2.65 4.89
CA ILE C 244 -30.24 -4.10 4.64
C ILE C 244 -29.79 -4.75 5.96
N ILE C 245 -28.92 -4.10 6.72
CA ILE C 245 -28.38 -4.64 8.00
C ILE C 245 -29.56 -4.81 8.96
N ASP C 246 -30.51 -3.88 8.95
CA ASP C 246 -31.66 -3.84 9.89
C ASP C 246 -32.67 -4.97 9.61
N THR C 247 -32.70 -5.52 8.38
CA THR C 247 -33.78 -6.43 7.92
C THR C 247 -33.25 -7.76 7.38
N HIS C 248 -31.93 -7.90 7.15
CA HIS C 248 -31.30 -9.12 6.57
C HIS C 248 -30.04 -9.51 7.36
N GLU C 249 -29.66 -10.79 7.32
CA GLU C 249 -28.30 -11.22 7.75
C GLU C 249 -27.60 -11.89 6.58
N LEU C 250 -26.28 -11.96 6.70
CA LEU C 250 -25.36 -12.45 5.66
C LEU C 250 -25.40 -13.96 5.62
N GLN C 251 -25.57 -14.54 4.43
CA GLN C 251 -25.56 -16.00 4.21
C GLN C 251 -24.24 -16.40 3.54
N THR C 252 -23.75 -15.63 2.58
CA THR C 252 -22.46 -15.94 1.88
C THR C 252 -21.61 -14.67 1.73
N ILE C 253 -20.30 -14.85 1.82
CA ILE C 253 -19.30 -13.80 1.52
C ILE C 253 -18.15 -14.49 0.77
N THR C 254 -17.78 -13.93 -0.37
CA THR C 254 -16.66 -14.35 -1.23
C THR C 254 -15.75 -13.14 -1.34
N LEU C 255 -14.47 -13.26 -0.99
CA LEU C 255 -13.47 -12.20 -1.28
C LEU C 255 -12.38 -12.78 -2.18
N ASP C 256 -12.06 -12.08 -3.27
CA ASP C 256 -10.80 -12.27 -4.05
C ASP C 256 -9.83 -11.17 -3.64
N TYR C 257 -8.69 -11.57 -3.08
CA TYR C 257 -7.61 -10.66 -2.63
C TYR C 257 -6.66 -10.41 -3.80
N ARG C 258 -6.24 -9.15 -3.99
CA ARG C 258 -5.24 -8.71 -5.00
C ARG C 258 -4.01 -8.18 -4.26
N ARG C 259 -4.20 -7.29 -3.29
CA ARG C 259 -3.10 -6.65 -2.52
C ARG C 259 -3.38 -6.71 -1.03
N GLU C 260 -2.32 -6.59 -0.23
CA GLU C 260 -2.41 -6.27 1.21
C GLU C 260 -2.66 -4.77 1.37
N CYS C 261 -3.57 -4.40 2.25
CA CYS C 261 -3.62 -3.04 2.82
C CYS C 261 -2.41 -2.88 3.74
N GLN C 262 -1.63 -1.81 3.60
CA GLN C 262 -0.49 -1.47 4.51
C GLN C 262 -1.05 -0.68 5.68
N HIS C 263 -0.32 -0.63 6.80
CA HIS C 263 -0.77 -0.05 8.09
C HIS C 263 -1.15 1.44 7.95
N ASP C 264 -0.56 2.18 7.01
CA ASP C 264 -0.92 3.63 6.82
C ASP C 264 -1.56 3.84 5.43
N ASP C 265 -2.20 2.81 4.86
CA ASP C 265 -3.01 2.92 3.62
C ASP C 265 -4.40 3.48 3.95
N ILE C 266 -4.98 4.19 2.99
CA ILE C 266 -6.36 4.76 3.08
C ILE C 266 -7.21 4.08 2.01
N VAL C 267 -8.40 3.61 2.39
CA VAL C 267 -9.17 2.58 1.63
C VAL C 267 -10.62 3.04 1.45
N ASP C 268 -11.17 2.83 0.26
CA ASP C 268 -12.62 3.03 -0.04
C ASP C 268 -13.30 1.66 -0.21
N SER C 269 -14.40 1.43 0.51
CA SER C 269 -15.21 0.20 0.47
C SER C 269 -16.47 0.51 -0.34
N LEU C 270 -16.59 -0.05 -1.55
CA LEU C 270 -17.73 0.23 -2.47
C LEU C 270 -18.61 -1.03 -2.53
N SER C 271 -19.91 -0.84 -2.79
CA SER C 271 -20.85 -1.96 -3.06
C SER C 271 -21.96 -1.49 -4.00
N SER C 272 -22.48 -2.42 -4.81
CA SER C 272 -23.72 -2.28 -5.61
C SER C 272 -24.44 -3.64 -5.58
N ARG C 273 -25.76 -3.62 -5.67
CA ARG C 273 -26.58 -4.84 -5.88
C ARG C 273 -26.29 -5.40 -7.27
N GLU C 274 -26.32 -6.73 -7.44
CA GLU C 274 -26.29 -7.38 -8.78
C GLU C 274 -27.53 -8.28 -8.95
N CYS C 293 -31.09 -10.92 -1.43
CA CYS C 293 -30.37 -9.91 -2.24
C CYS C 293 -28.87 -10.22 -2.28
N GLN C 294 -28.23 -9.85 -3.38
CA GLN C 294 -26.78 -10.01 -3.63
C GLN C 294 -26.12 -8.65 -3.89
N PHE C 295 -24.91 -8.45 -3.36
CA PHE C 295 -24.08 -7.23 -3.54
C PHE C 295 -22.71 -7.62 -4.10
N LEU C 296 -22.20 -6.85 -5.07
CA LEU C 296 -20.77 -6.83 -5.45
C LEU C 296 -20.05 -5.84 -4.54
N HIS C 297 -18.79 -6.14 -4.25
CA HIS C 297 -17.92 -5.33 -3.35
C HIS C 297 -16.58 -5.08 -4.04
N PHE C 298 -16.01 -3.91 -3.77
CA PHE C 298 -14.69 -3.48 -4.29
C PHE C 298 -14.04 -2.62 -3.22
N LEU C 299 -12.88 -3.05 -2.71
CA LEU C 299 -11.97 -2.29 -1.83
C LEU C 299 -10.84 -1.72 -2.69
N LYS C 300 -10.65 -0.42 -2.68
CA LYS C 300 -9.63 0.28 -3.52
C LYS C 300 -8.88 1.31 -2.66
N LEU C 301 -7.63 1.55 -3.00
CA LEU C 301 -6.79 2.58 -2.34
C LEU C 301 -7.29 3.96 -2.79
N SER C 302 -7.56 4.85 -1.82
CA SER C 302 -8.03 6.24 -2.04
C SER C 302 -7.05 6.99 -2.98
N GLY C 303 -5.76 6.93 -2.70
CA GLY C 303 -4.72 7.62 -3.50
C GLY C 303 -4.74 7.19 -4.97
N SER C 304 -4.36 5.94 -5.23
CA SER C 304 -4.05 5.39 -6.57
C SER C 304 -5.28 4.80 -7.29
N GLY C 305 -6.35 4.49 -6.56
CA GLY C 305 -7.50 3.71 -7.09
C GLY C 305 -7.22 2.21 -7.26
N LEU C 306 -6.06 1.70 -6.84
CA LEU C 306 -5.68 0.27 -7.04
C LEU C 306 -6.53 -0.68 -6.19
N GLU C 307 -6.95 -1.79 -6.77
CA GLU C 307 -7.77 -2.83 -6.11
C GLU C 307 -6.99 -3.42 -4.93
N ILE C 308 -7.60 -3.46 -3.74
CA ILE C 308 -7.14 -4.26 -2.57
C ILE C 308 -7.77 -5.63 -2.71
N ASN C 309 -9.09 -5.68 -2.80
CA ASN C 309 -9.84 -6.93 -3.10
C ASN C 309 -11.21 -6.58 -3.66
N ARG C 310 -11.93 -7.62 -4.06
CA ARG C 310 -13.34 -7.53 -4.53
C ARG C 310 -14.12 -8.67 -3.90
N GLY C 311 -15.44 -8.59 -3.96
CA GLY C 311 -16.28 -9.47 -3.12
C GLY C 311 -17.69 -9.57 -3.64
N ARG C 312 -18.38 -10.60 -3.16
CA ARG C 312 -19.82 -10.85 -3.34
C ARG C 312 -20.39 -11.22 -1.97
N THR C 313 -21.50 -10.59 -1.56
CA THR C 313 -22.30 -11.04 -0.38
C THR C 313 -23.71 -11.42 -0.84
N GLN C 314 -24.30 -12.40 -0.18
CA GLN C 314 -25.70 -12.86 -0.32
C GLN C 314 -26.37 -12.79 1.05
N TRP C 315 -27.56 -12.20 1.07
CA TRP C 315 -28.31 -11.84 2.30
C TRP C 315 -29.66 -12.55 2.28
N ARG C 316 -30.15 -12.92 3.45
CA ARG C 316 -31.51 -13.48 3.63
C ARG C 316 -32.26 -12.58 4.62
N ARG C 317 -33.56 -12.44 4.43
CA ARG C 317 -34.44 -11.64 5.31
C ARG C 317 -34.48 -12.33 6.68
N LEU C 318 -34.35 -11.56 7.76
CA LEU C 318 -34.66 -12.02 9.14
C LEU C 318 -36.19 -12.12 9.30
N LEU D 32 -22.17 -27.26 28.43
CA LEU D 32 -20.82 -27.87 28.68
C LEU D 32 -19.76 -26.75 28.71
N ARG D 33 -20.00 -25.73 29.55
CA ARG D 33 -19.37 -24.38 29.42
C ARG D 33 -17.96 -24.33 30.03
N LEU D 34 -17.69 -25.06 31.11
CA LEU D 34 -16.51 -24.85 32.02
C LEU D 34 -16.52 -23.37 32.47
N GLY D 35 -17.68 -22.93 32.95
CA GLY D 35 -17.97 -21.59 33.54
C GLY D 35 -19.11 -21.69 34.56
N SER D 36 -18.87 -21.38 35.83
CA SER D 36 -19.78 -21.79 36.93
C SER D 36 -19.66 -20.89 38.16
N LEU D 37 -20.80 -20.60 38.82
CA LEU D 37 -20.84 -20.11 40.22
C LEU D 37 -19.96 -21.00 41.08
N GLU D 38 -19.30 -20.41 42.07
CA GLU D 38 -18.57 -21.14 43.14
C GLU D 38 -19.60 -21.77 44.08
N PRO D 39 -19.18 -22.75 44.92
CA PRO D 39 -20.10 -23.47 45.79
C PRO D 39 -20.98 -22.54 46.64
N ASP D 40 -20.37 -21.49 47.22
CA ASP D 40 -21.08 -20.53 48.10
C ASP D 40 -22.02 -19.64 47.27
N GLY D 41 -21.92 -19.66 45.94
CA GLY D 41 -22.81 -18.89 45.03
C GLY D 41 -22.53 -17.39 45.01
N LEU D 42 -21.38 -16.93 45.52
CA LEU D 42 -21.10 -15.48 45.76
C LEU D 42 -19.97 -14.98 44.83
N SER D 43 -19.37 -15.87 44.05
CA SER D 43 -18.40 -15.52 42.98
C SER D 43 -18.55 -16.53 41.85
N TYR D 44 -17.97 -16.21 40.69
CA TYR D 44 -18.15 -16.95 39.41
C TYR D 44 -16.78 -17.11 38.74
N LYS D 45 -16.47 -18.30 38.27
CA LYS D 45 -15.15 -18.62 37.66
C LYS D 45 -15.37 -19.15 36.26
N GLU D 46 -14.50 -18.77 35.34
CA GLU D 46 -14.57 -19.20 33.91
C GLU D 46 -13.14 -19.24 33.40
N SER D 47 -12.82 -20.29 32.63
CA SER D 47 -11.48 -20.50 32.03
C SER D 47 -11.59 -20.25 30.53
N PHE D 48 -10.48 -19.77 29.95
CA PHE D 48 -10.36 -19.41 28.53
C PHE D 48 -9.02 -19.95 28.03
N ILE D 49 -8.99 -20.53 26.84
CA ILE D 49 -7.74 -20.91 26.14
C ILE D 49 -7.43 -19.77 25.17
N VAL D 50 -6.30 -19.08 25.37
CA VAL D 50 -5.92 -17.88 24.58
C VAL D 50 -5.74 -18.34 23.13
N ARG D 51 -6.31 -17.60 22.18
CA ARG D 51 -6.39 -17.99 20.75
C ARG D 51 -5.35 -17.21 19.96
N SER D 52 -4.94 -17.75 18.82
CA SER D 52 -3.87 -17.19 17.96
C SER D 52 -4.18 -15.73 17.63
N TYR D 53 -5.44 -15.41 17.28
CA TYR D 53 -5.85 -14.06 16.82
C TYR D 53 -5.96 -13.08 18.01
N GLU D 54 -5.86 -13.56 19.26
CA GLU D 54 -6.06 -12.75 20.49
C GLU D 54 -4.73 -12.14 20.95
N VAL D 55 -3.60 -12.59 20.40
CA VAL D 55 -2.24 -12.10 20.81
C VAL D 55 -1.77 -11.02 19.83
N GLY D 56 -0.92 -10.12 20.32
CA GLY D 56 -0.31 -9.02 19.54
C GLY D 56 1.18 -9.25 19.31
N VAL D 57 1.89 -8.15 19.06
CA VAL D 57 3.35 -8.11 18.73
C VAL D 57 4.18 -8.92 19.75
N ASN D 58 3.82 -8.89 21.04
CA ASN D 58 4.58 -9.52 22.14
C ASN D 58 4.34 -11.03 22.23
N LYS D 59 3.51 -11.60 21.33
CA LYS D 59 3.13 -13.05 21.29
C LYS D 59 2.32 -13.43 22.53
N THR D 60 1.62 -12.45 23.09
CA THR D 60 0.76 -12.59 24.29
C THR D 60 -0.53 -11.81 24.06
N ALA D 61 -1.58 -12.17 24.79
CA ALA D 61 -2.95 -11.62 24.71
C ALA D 61 -2.89 -10.09 24.81
N THR D 62 -3.55 -9.42 23.88
CA THR D 62 -3.68 -7.93 23.87
C THR D 62 -4.51 -7.52 25.09
N VAL D 63 -4.36 -6.27 25.50
CA VAL D 63 -5.19 -5.60 26.54
C VAL D 63 -6.68 -5.78 26.15
N GLU D 64 -7.02 -5.59 24.87
CA GLU D 64 -8.41 -5.68 24.37
C GLU D 64 -8.96 -7.10 24.64
N THR D 65 -8.22 -8.13 24.29
CA THR D 65 -8.60 -9.54 24.61
C THR D 65 -8.91 -9.66 26.11
N ILE D 66 -8.00 -9.18 26.96
CA ILE D 66 -8.16 -9.28 28.44
C ILE D 66 -9.48 -8.59 28.82
N ALA D 67 -9.67 -7.35 28.39
CA ALA D 67 -10.87 -6.56 28.72
C ALA D 67 -12.12 -7.35 28.30
N ASN D 68 -12.11 -7.93 27.10
CA ASN D 68 -13.25 -8.71 26.56
C ASN D 68 -13.53 -9.94 27.43
N LEU D 69 -12.49 -10.62 27.94
CA LEU D 69 -12.65 -11.82 28.80
C LEU D 69 -13.25 -11.41 30.16
N LEU D 70 -12.84 -10.25 30.71
CA LEU D 70 -13.39 -9.71 31.99
C LEU D 70 -14.88 -9.47 31.80
N GLN D 71 -15.25 -8.81 30.70
CA GLN D 71 -16.67 -8.57 30.37
C GLN D 71 -17.41 -9.90 30.23
N GLU D 72 -16.83 -10.85 29.50
CA GLU D 72 -17.49 -12.15 29.21
C GLU D 72 -17.89 -12.82 30.53
N VAL D 73 -16.98 -12.84 31.50
CA VAL D 73 -17.20 -13.56 32.79
C VAL D 73 -18.22 -12.79 33.64
N GLY D 74 -18.22 -11.45 33.56
CA GLY D 74 -19.24 -10.59 34.15
C GLY D 74 -20.63 -10.96 33.65
N CYS D 75 -20.82 -11.01 32.33
CA CYS D 75 -22.12 -11.33 31.67
C CYS D 75 -22.58 -12.72 32.11
N ASN D 76 -21.69 -13.73 32.12
CA ASN D 76 -22.06 -15.12 32.47
C ASN D 76 -22.48 -15.16 33.95
N HIS D 77 -21.74 -14.45 34.81
CA HIS D 77 -22.08 -14.29 36.26
C HIS D 77 -23.48 -13.70 36.39
N ALA D 78 -23.73 -12.61 35.68
CA ALA D 78 -25.03 -11.90 35.74
C ALA D 78 -26.13 -12.90 35.37
N GLN D 79 -25.97 -13.64 34.27
CA GLN D 79 -27.00 -14.61 33.81
C GLN D 79 -27.18 -15.73 34.84
N SER D 80 -26.11 -16.21 35.46
CA SER D 80 -26.14 -17.35 36.42
C SER D 80 -26.96 -17.02 37.69
N VAL D 81 -27.09 -15.74 38.09
CA VAL D 81 -27.89 -15.33 39.27
C VAL D 81 -29.12 -14.50 38.86
N GLY D 82 -29.47 -14.51 37.57
CA GLY D 82 -30.81 -14.15 37.06
C GLY D 82 -31.00 -12.67 36.75
N PHE D 83 -29.92 -11.89 36.63
CA PHE D 83 -29.99 -10.46 36.21
C PHE D 83 -30.06 -10.43 34.68
N SER D 84 -30.16 -9.21 34.12
CA SER D 84 -30.13 -8.89 32.66
C SER D 84 -30.73 -7.49 32.42
N GLY D 87 -28.37 -6.39 28.38
CA GLY D 87 -26.93 -6.16 28.60
C GLY D 87 -26.64 -5.14 29.69
N PHE D 88 -27.56 -4.91 30.64
CA PHE D 88 -27.51 -3.78 31.61
C PHE D 88 -27.47 -4.26 33.07
N ALA D 89 -27.42 -5.58 33.31
CA ALA D 89 -27.35 -6.21 34.65
C ALA D 89 -28.39 -5.60 35.61
N THR D 90 -29.64 -5.49 35.17
CA THR D 90 -30.74 -4.95 36.00
C THR D 90 -31.36 -6.04 36.87
N THR D 91 -31.96 -5.61 37.97
CA THR D 91 -32.87 -6.35 38.88
C THR D 91 -34.32 -5.99 38.55
N THR D 92 -35.27 -6.75 39.09
CA THR D 92 -36.73 -6.52 38.92
C THR D 92 -37.07 -5.05 39.19
N THR D 93 -36.67 -4.54 40.36
CA THR D 93 -37.07 -3.20 40.86
C THR D 93 -36.35 -2.13 40.03
N MET D 94 -35.11 -2.39 39.59
CA MET D 94 -34.37 -1.46 38.69
C MET D 94 -35.19 -1.26 37.41
N ARG D 95 -35.63 -2.33 36.76
CA ARG D 95 -36.44 -2.25 35.51
C ARG D 95 -37.73 -1.47 35.81
N LEU D 96 -38.29 -1.66 37.01
CA LEU D 96 -39.52 -0.97 37.48
C LEU D 96 -39.28 0.53 37.60
N LEU D 97 -38.13 0.97 38.16
CA LEU D 97 -37.81 2.41 38.37
C LEU D 97 -37.09 3.00 37.14
N ARG D 98 -36.95 2.22 36.07
CA ARG D 98 -36.27 2.62 34.82
C ARG D 98 -34.81 3.01 35.13
N LEU D 99 -34.13 2.17 35.90
CA LEU D 99 -32.72 2.39 36.33
C LEU D 99 -31.80 1.38 35.64
N ILE D 100 -30.57 1.80 35.34
CA ILE D 100 -29.51 0.97 34.68
C ILE D 100 -28.17 1.24 35.36
N TRP D 101 -27.29 0.24 35.36
CA TRP D 101 -25.89 0.39 35.82
C TRP D 101 -25.11 1.09 34.72
N VAL D 102 -24.24 2.03 35.09
CA VAL D 102 -23.27 2.61 34.12
C VAL D 102 -21.88 2.59 34.77
N THR D 103 -20.86 2.31 33.97
CA THR D 103 -19.44 2.31 34.41
C THR D 103 -19.05 3.77 34.66
N ALA D 104 -18.56 4.04 35.87
CA ALA D 104 -17.83 5.28 36.22
C ALA D 104 -16.33 5.04 36.01
N ARG D 105 -15.80 3.93 36.52
CA ARG D 105 -14.35 3.60 36.38
C ARG D 105 -14.13 2.11 36.10
N MET D 106 -13.13 1.84 35.25
CA MET D 106 -12.56 0.51 34.93
C MET D 106 -11.05 0.61 35.23
N HIS D 107 -10.50 -0.35 35.97
CA HIS D 107 -9.04 -0.46 36.24
C HIS D 107 -8.56 -1.87 36.01
N ILE D 108 -7.56 -2.06 35.14
CA ILE D 108 -6.91 -3.38 34.86
C ILE D 108 -5.40 -3.31 35.18
N GLU D 109 -4.91 -4.28 35.94
CA GLU D 109 -3.47 -4.48 36.21
C GLU D 109 -3.09 -5.89 35.70
N ILE D 110 -2.14 -5.98 34.78
CA ILE D 110 -1.57 -7.25 34.27
C ILE D 110 -0.11 -7.33 34.72
N TYR D 111 0.22 -8.38 35.46
CA TYR D 111 1.60 -8.74 35.90
C TYR D 111 2.29 -9.55 34.80
N LYS D 112 1.51 -10.37 34.09
CA LYS D 112 2.02 -11.23 33.00
C LYS D 112 0.89 -11.49 32.01
N TYR D 113 1.11 -11.19 30.73
CA TYR D 113 0.18 -11.50 29.62
C TYR D 113 0.30 -13.00 29.31
N PRO D 114 -0.82 -13.75 29.28
CA PRO D 114 -0.80 -15.13 28.84
C PRO D 114 -0.54 -15.24 27.32
N ALA D 115 0.18 -16.29 26.91
CA ALA D 115 0.55 -16.58 25.52
C ALA D 115 -0.56 -17.42 24.89
N TRP D 116 -0.47 -17.66 23.57
CA TRP D 116 -1.37 -18.55 22.80
C TRP D 116 -1.31 -19.96 23.39
N GLY D 117 -2.47 -20.56 23.67
CA GLY D 117 -2.54 -21.94 24.21
C GLY D 117 -2.58 -21.97 25.72
N ASP D 118 -2.27 -20.86 26.39
CA ASP D 118 -2.37 -20.78 27.87
C ASP D 118 -3.85 -20.75 28.24
N VAL D 119 -4.24 -21.57 29.21
CA VAL D 119 -5.55 -21.48 29.88
C VAL D 119 -5.41 -20.41 30.96
N VAL D 120 -6.33 -19.44 30.99
CA VAL D 120 -6.42 -18.48 32.11
C VAL D 120 -7.75 -18.74 32.82
N GLU D 121 -7.75 -18.62 34.14
CA GLU D 121 -8.98 -18.70 34.95
C GLU D 121 -9.29 -17.33 35.54
N ILE D 122 -10.53 -16.86 35.33
CA ILE D 122 -10.98 -15.54 35.86
C ILE D 122 -12.10 -15.77 36.86
N GLU D 123 -11.86 -15.36 38.09
CA GLU D 123 -12.89 -15.27 39.15
C GLU D 123 -13.39 -13.82 39.21
N THR D 124 -14.68 -13.64 39.30
CA THR D 124 -15.32 -12.31 39.39
C THR D 124 -16.39 -12.35 40.47
N TRP D 125 -16.61 -11.22 41.13
CA TRP D 125 -17.64 -11.06 42.18
C TRP D 125 -17.95 -9.57 42.29
N CYS D 126 -19.08 -9.24 42.89
CA CYS D 126 -19.54 -7.84 43.07
C CYS D 126 -19.57 -7.52 44.57
N GLN D 127 -19.53 -6.23 44.86
CA GLN D 127 -19.62 -5.73 46.25
C GLN D 127 -20.17 -4.31 46.25
N GLU D 128 -20.94 -3.97 47.27
CA GLU D 128 -21.44 -2.60 47.51
C GLU D 128 -20.24 -1.65 47.62
N ASP D 129 -20.29 -0.48 46.98
CA ASP D 129 -19.21 0.53 47.01
C ASP D 129 -19.77 1.90 47.44
N GLY D 130 -19.70 2.19 48.75
CA GLY D 130 -20.22 3.42 49.35
C GLY D 130 -21.74 3.49 49.24
N LYS D 131 -22.29 4.71 49.06
CA LYS D 131 -23.75 4.98 49.12
C LYS D 131 -24.33 5.15 47.71
N ILE D 132 -23.50 5.20 46.67
CA ILE D 132 -23.98 5.36 45.26
C ILE D 132 -23.51 4.20 44.36
N GLY D 133 -22.44 3.50 44.75
CA GLY D 133 -21.68 2.63 43.85
C GLY D 133 -21.81 1.15 44.15
N THR D 134 -21.62 0.33 43.12
CA THR D 134 -21.30 -1.11 43.23
C THR D 134 -19.98 -1.36 42.51
N ARG D 135 -19.18 -2.29 43.05
CA ARG D 135 -17.91 -2.75 42.43
C ARG D 135 -18.14 -4.11 41.78
N ARG D 136 -17.53 -4.33 40.61
CA ARG D 136 -17.13 -5.68 40.14
C ARG D 136 -15.60 -5.77 40.18
N ASP D 137 -15.10 -6.83 40.83
CA ASP D 137 -13.66 -7.18 40.87
C ASP D 137 -13.42 -8.46 40.06
N TRP D 138 -12.21 -8.59 39.51
CA TRP D 138 -11.78 -9.83 38.85
C TRP D 138 -10.38 -10.19 39.35
N ILE D 139 -10.08 -11.48 39.47
CA ILE D 139 -8.68 -12.00 39.60
C ILE D 139 -8.43 -12.93 38.40
N ILE D 140 -7.32 -12.70 37.70
CA ILE D 140 -6.87 -13.52 36.54
C ILE D 140 -5.70 -14.39 37.03
N LYS D 141 -5.83 -15.70 36.86
CA LYS D 141 -4.79 -16.68 37.23
C LYS D 141 -4.40 -17.47 35.98
N ASP D 142 -3.10 -17.71 35.80
CA ASP D 142 -2.61 -18.79 34.91
C ASP D 142 -3.16 -20.11 35.46
N TYR D 143 -3.99 -20.81 34.71
CA TYR D 143 -4.68 -22.03 35.20
C TYR D 143 -3.66 -23.12 35.52
N SER D 144 -2.59 -23.19 34.72
CA SER D 144 -1.48 -24.18 34.87
C SER D 144 -0.79 -24.07 36.23
N THR D 145 -0.46 -22.85 36.69
CA THR D 145 0.38 -22.63 37.91
C THR D 145 -0.47 -22.21 39.11
N GLY D 146 -1.70 -21.74 38.89
CA GLY D 146 -2.56 -21.12 39.92
C GLY D 146 -1.99 -19.79 40.39
N VAL D 147 -1.08 -19.18 39.63
CA VAL D 147 -0.46 -17.87 39.97
C VAL D 147 -1.37 -16.75 39.44
N VAL D 148 -1.57 -15.70 40.24
CA VAL D 148 -2.28 -14.46 39.83
C VAL D 148 -1.37 -13.72 38.84
N ILE D 149 -1.85 -13.51 37.60
CA ILE D 149 -1.10 -12.78 36.56
C ILE D 149 -1.79 -11.44 36.27
N GLY D 150 -2.94 -11.19 36.87
CA GLY D 150 -3.64 -9.91 36.72
C GLY D 150 -4.86 -9.83 37.59
N ARG D 151 -5.38 -8.61 37.69
CA ARG D 151 -6.54 -8.24 38.53
C ARG D 151 -7.18 -6.98 37.94
N ALA D 152 -8.50 -6.82 38.09
CA ALA D 152 -9.25 -5.66 37.59
C ALA D 152 -10.31 -5.31 38.62
N THR D 153 -10.71 -4.05 38.63
CA THR D 153 -11.86 -3.58 39.44
C THR D 153 -12.59 -2.51 38.65
N SER D 154 -13.87 -2.35 38.92
CA SER D 154 -14.75 -1.42 38.20
C SER D 154 -15.79 -0.86 39.18
N LYS D 155 -16.09 0.44 39.01
CA LYS D 155 -17.10 1.16 39.82
C LYS D 155 -18.27 1.47 38.90
N TRP D 156 -19.46 1.13 39.37
CA TRP D 156 -20.74 1.26 38.65
C TRP D 156 -21.63 2.16 39.50
N VAL D 157 -22.40 3.04 38.84
CA VAL D 157 -23.39 3.95 39.45
C VAL D 157 -24.75 3.70 38.78
N MET D 158 -25.84 3.97 39.48
CA MET D 158 -27.20 3.87 38.91
C MET D 158 -27.57 5.17 38.20
N MET D 159 -28.17 5.03 37.03
CA MET D 159 -28.71 6.14 36.22
C MET D 159 -30.15 5.81 35.85
N ASN D 160 -31.04 6.78 35.98
CA ASN D 160 -32.38 6.79 35.33
C ASN D 160 -32.16 6.83 33.81
N GLN D 161 -32.54 5.79 33.08
CA GLN D 161 -32.23 5.69 31.62
C GLN D 161 -33.00 6.75 30.84
N ASP D 162 -34.13 7.26 31.36
CA ASP D 162 -34.94 8.30 30.69
C ASP D 162 -34.30 9.69 30.85
N THR D 163 -33.79 10.03 32.04
CA THR D 163 -33.36 11.40 32.41
C THR D 163 -31.83 11.53 32.37
N ARG D 164 -31.10 10.41 32.35
CA ARG D 164 -29.60 10.36 32.37
C ARG D 164 -29.07 10.94 33.69
N ARG D 165 -29.91 11.06 34.73
CA ARG D 165 -29.47 11.52 36.08
C ARG D 165 -28.97 10.34 36.91
N LEU D 166 -27.91 10.55 37.69
CA LEU D 166 -27.49 9.65 38.79
C LEU D 166 -28.63 9.59 39.80
N GLN D 167 -29.06 8.39 40.18
CA GLN D 167 -30.20 8.14 41.09
C GLN D 167 -29.73 7.21 42.22
N ARG D 168 -29.67 7.70 43.45
CA ARG D 168 -29.51 6.88 44.68
C ARG D 168 -30.76 5.98 44.80
N VAL D 169 -30.61 4.74 45.30
CA VAL D 169 -31.76 3.81 45.51
C VAL D 169 -31.84 3.42 46.99
N ASN D 170 -33.02 2.95 47.40
CA ASN D 170 -33.32 2.55 48.81
C ASN D 170 -32.69 1.17 49.06
N ASP D 171 -32.82 0.68 50.30
CA ASP D 171 -32.16 -0.55 50.80
C ASP D 171 -32.73 -1.80 50.12
N GLU D 172 -34.01 -1.81 49.72
CA GLU D 172 -34.66 -3.03 49.14
C GLU D 172 -34.14 -3.25 47.72
N VAL D 173 -33.91 -2.19 46.92
CA VAL D 173 -33.25 -2.29 45.58
C VAL D 173 -31.86 -2.90 45.78
N ARG D 174 -31.11 -2.40 46.76
CA ARG D 174 -29.77 -2.89 47.12
C ARG D 174 -29.85 -4.38 47.50
N GLU D 175 -30.83 -4.76 48.31
CA GLU D 175 -30.95 -6.14 48.85
C GLU D 175 -31.07 -7.12 47.68
N GLU D 176 -31.69 -6.70 46.56
CA GLU D 176 -31.88 -7.58 45.38
C GLU D 176 -30.54 -8.05 44.82
N TYR D 177 -29.47 -7.23 44.86
CA TYR D 177 -28.15 -7.68 44.34
C TYR D 177 -27.20 -8.04 45.49
N LEU D 178 -27.39 -7.48 46.68
CA LEU D 178 -26.47 -7.75 47.83
C LEU D 178 -26.56 -9.22 48.25
N ILE D 179 -27.71 -9.89 48.04
CA ILE D 179 -27.88 -11.35 48.25
C ILE D 179 -26.66 -12.08 47.66
N PHE D 180 -26.25 -11.68 46.46
CA PHE D 180 -25.31 -12.43 45.57
C PHE D 180 -23.89 -11.87 45.66
N CYS D 181 -23.58 -11.17 46.75
CA CYS D 181 -22.26 -10.54 47.02
C CYS D 181 -21.71 -11.12 48.32
N PRO D 182 -20.38 -11.26 48.46
CA PRO D 182 -19.80 -11.53 49.78
C PRO D 182 -20.19 -10.42 50.77
N ARG D 183 -20.55 -10.80 52.01
CA ARG D 183 -21.00 -9.83 53.04
C ARG D 183 -19.77 -9.13 53.64
N THR D 184 -18.67 -9.84 53.85
CA THR D 184 -17.39 -9.23 54.33
C THR D 184 -16.51 -8.83 53.15
N PRO D 185 -15.84 -7.66 53.25
CA PRO D 185 -14.93 -7.15 52.22
C PRO D 185 -14.13 -8.25 51.50
N ARG D 186 -14.36 -8.42 50.21
CA ARG D 186 -13.45 -9.11 49.27
C ARG D 186 -12.94 -8.11 48.23
N LEU D 187 -11.65 -7.79 48.28
CA LEU D 187 -11.00 -6.76 47.44
C LEU D 187 -9.93 -7.43 46.57
N ALA D 188 -9.96 -7.22 45.26
CA ALA D 188 -8.89 -7.61 44.31
C ALA D 188 -7.69 -6.71 44.55
N PHE D 189 -7.98 -5.50 45.01
CA PHE D 189 -7.01 -4.45 45.40
C PHE D 189 -7.17 -4.16 46.88
N PRO D 190 -6.59 -5.00 47.78
CA PRO D 190 -6.69 -4.77 49.24
C PRO D 190 -5.61 -3.82 49.79
N GLU D 191 -4.60 -3.50 48.98
CA GLU D 191 -3.49 -2.59 49.38
C GLU D 191 -4.05 -1.19 49.72
N GLU D 192 -3.30 -0.45 50.53
CA GLU D 192 -3.73 0.71 51.36
C GLU D 192 -4.24 1.85 50.47
N ASP D 193 -3.42 2.26 49.49
CA ASP D 193 -3.63 3.50 48.70
C ASP D 193 -3.57 3.12 47.22
N SER D 194 -4.45 2.21 46.80
CA SER D 194 -4.43 1.51 45.50
C SER D 194 -4.47 2.53 44.36
N ASP D 195 -3.54 2.38 43.43
CA ASP D 195 -3.57 2.98 42.07
C ASP D 195 -5.00 2.90 41.52
N SER D 196 -5.75 1.82 41.81
CA SER D 196 -7.14 1.62 41.31
C SER D 196 -8.06 2.78 41.72
N LEU D 197 -7.71 3.54 42.77
CA LEU D 197 -8.56 4.65 43.32
C LEU D 197 -7.95 6.03 43.09
N LYS D 198 -6.75 6.13 42.49
CA LYS D 198 -6.06 7.42 42.26
C LYS D 198 -6.88 8.26 41.28
N LYS D 199 -7.10 9.54 41.56
CA LYS D 199 -7.83 10.46 40.65
C LYS D 199 -7.04 10.65 39.36
N ILE D 200 -7.74 10.88 38.24
CA ILE D 200 -7.12 11.22 36.94
C ILE D 200 -7.41 12.68 36.64
N PRO D 201 -6.36 13.53 36.57
CA PRO D 201 -6.52 14.92 36.18
C PRO D 201 -6.69 14.98 34.65
N LYS D 202 -7.23 16.11 34.20
CA LYS D 202 -7.43 16.46 32.78
C LYS D 202 -6.08 16.91 32.21
N LEU D 203 -5.56 16.25 31.18
CA LEU D 203 -4.22 16.64 30.65
C LEU D 203 -4.34 18.01 29.98
N GLU D 204 -3.24 18.77 30.01
CA GLU D 204 -3.13 20.16 29.49
C GLU D 204 -2.84 20.11 28.00
N GLU D 205 -3.65 20.82 27.20
CA GLU D 205 -3.43 21.00 25.74
C GLU D 205 -2.26 21.95 25.54
N PRO D 206 -1.43 21.79 24.48
CA PRO D 206 -1.47 20.62 23.60
C PRO D 206 -0.87 19.37 24.26
N ALA D 207 -1.41 18.21 23.88
CA ALA D 207 -0.89 16.88 24.25
C ALA D 207 0.42 16.64 23.51
N GLN D 208 1.33 15.88 24.10
CA GLN D 208 2.58 15.41 23.43
C GLN D 208 2.22 14.56 22.21
N SER D 209 1.09 13.87 22.24
CA SER D 209 0.76 12.73 21.33
C SER D 209 -0.75 12.72 21.13
N SER D 210 -1.21 12.43 19.91
CA SER D 210 -2.66 12.44 19.58
C SER D 210 -2.93 11.64 18.31
N LYS D 211 -4.05 10.90 18.32
CA LYS D 211 -4.68 10.26 17.14
C LYS D 211 -6.03 10.96 16.95
N LEU D 212 -6.22 11.63 15.83
CA LEU D 212 -7.37 12.56 15.61
C LEU D 212 -8.39 11.92 14.66
N GLY D 213 -9.65 12.28 14.81
CA GLY D 213 -10.72 11.93 13.87
C GLY D 213 -11.00 10.43 13.84
N LEU D 214 -10.96 9.78 15.00
CA LEU D 214 -11.32 8.35 15.13
C LEU D 214 -12.83 8.22 15.14
N VAL D 215 -13.36 7.23 14.40
CA VAL D 215 -14.81 7.00 14.21
C VAL D 215 -15.13 5.55 14.56
N PRO D 216 -16.22 5.27 15.32
CA PRO D 216 -16.62 3.89 15.54
C PRO D 216 -16.88 3.19 14.19
N ARG D 217 -16.51 1.91 14.10
CA ARG D 217 -16.96 1.00 13.02
C ARG D 217 -18.22 0.26 13.53
N ARG D 218 -19.05 -0.27 12.64
CA ARG D 218 -20.19 -1.14 13.03
C ARG D 218 -19.70 -2.28 13.94
N ALA D 219 -18.52 -2.85 13.69
CA ALA D 219 -17.93 -3.96 14.48
C ALA D 219 -17.59 -3.52 15.90
N ASP D 220 -17.65 -2.20 16.21
CA ASP D 220 -17.38 -1.64 17.57
C ASP D 220 -18.69 -1.48 18.36
N LEU D 221 -19.82 -1.88 17.79
CA LEU D 221 -21.13 -1.90 18.49
C LEU D 221 -21.39 -3.31 19.03
N ASP D 222 -21.92 -3.40 20.26
CA ASP D 222 -22.31 -4.66 20.94
C ASP D 222 -23.71 -5.12 20.49
N MET D 223 -24.29 -6.10 21.18
CA MET D 223 -25.62 -6.72 20.88
C MET D 223 -26.76 -5.69 21.04
N ASN D 224 -26.54 -4.58 21.76
CA ASN D 224 -27.56 -3.52 22.04
C ASN D 224 -27.23 -2.25 21.26
N GLN D 225 -26.39 -2.34 20.23
CA GLN D 225 -26.05 -1.22 19.29
C GLN D 225 -25.34 -0.09 20.04
N HIS D 226 -24.60 -0.42 21.10
CA HIS D 226 -23.77 0.54 21.90
C HIS D 226 -22.30 0.32 21.56
N VAL D 227 -21.51 1.40 21.59
CA VAL D 227 -20.02 1.37 21.46
C VAL D 227 -19.46 0.60 22.66
N ASN D 228 -18.64 -0.43 22.41
CA ASN D 228 -18.07 -1.32 23.44
C ASN D 228 -16.90 -0.59 24.11
N ASN D 229 -16.80 -0.72 25.45
CA ASN D 229 -15.67 -0.26 26.29
C ASN D 229 -14.31 -0.53 25.62
N VAL D 230 -14.15 -1.71 25.03
CA VAL D 230 -12.85 -2.18 24.46
C VAL D 230 -12.48 -1.28 23.28
N THR D 231 -13.47 -0.63 22.66
CA THR D 231 -13.21 0.37 21.60
C THR D 231 -12.39 1.50 22.21
N TYR D 232 -12.73 1.92 23.44
CA TYR D 232 -12.08 3.06 24.15
C TYR D 232 -10.65 2.71 24.54
N ILE D 233 -10.37 1.44 24.85
CA ILE D 233 -9.02 0.93 25.21
C ILE D 233 -8.12 1.01 23.98
N GLY D 234 -8.60 0.54 22.81
CA GLY D 234 -7.88 0.67 21.52
C GLY D 234 -7.53 2.11 21.20
N TRP D 235 -8.49 3.03 21.37
CA TRP D 235 -8.34 4.48 21.07
C TRP D 235 -7.34 5.11 22.03
N VAL D 236 -7.42 4.76 23.32
CA VAL D 236 -6.39 5.15 24.32
C VAL D 236 -5.02 4.71 23.80
N LEU D 237 -4.91 3.45 23.39
CA LEU D 237 -3.60 2.87 23.00
C LEU D 237 -3.09 3.50 21.69
N GLU D 238 -3.99 3.96 20.81
CA GLU D 238 -3.58 4.65 19.55
C GLU D 238 -2.78 5.91 19.89
N SER D 239 -3.00 6.54 21.05
CA SER D 239 -2.33 7.82 21.40
C SER D 239 -0.89 7.55 21.88
N ILE D 240 -0.51 6.29 22.15
CA ILE D 240 0.85 5.97 22.68
C ILE D 240 1.84 5.99 21.52
N PRO D 241 2.98 6.69 21.67
CA PRO D 241 4.00 6.69 20.62
C PRO D 241 4.44 5.25 20.30
N GLN D 242 4.66 4.96 19.02
CA GLN D 242 5.11 3.65 18.53
C GLN D 242 6.38 3.26 19.28
N GLU D 243 7.26 4.22 19.62
CA GLU D 243 8.56 3.95 20.33
C GLU D 243 8.27 3.25 21.66
N ILE D 244 7.20 3.65 22.36
CA ILE D 244 6.84 3.06 23.68
C ILE D 244 6.29 1.66 23.44
N ILE D 245 5.46 1.49 22.42
CA ILE D 245 4.82 0.18 22.09
C ILE D 245 5.93 -0.83 21.76
N ASP D 246 7.00 -0.39 21.10
CA ASP D 246 8.13 -1.24 20.62
C ASP D 246 8.99 -1.74 21.79
N THR D 247 9.01 -1.05 22.93
CA THR D 247 10.02 -1.27 24.01
C THR D 247 9.37 -1.54 25.36
N HIS D 248 8.04 -1.34 25.49
CA HIS D 248 7.29 -1.45 26.77
C HIS D 248 5.98 -2.19 26.56
N GLU D 249 5.46 -2.86 27.58
CA GLU D 249 4.06 -3.35 27.59
C GLU D 249 3.31 -2.71 28.75
N LEU D 250 2.00 -2.73 28.65
CA LEU D 250 1.05 -2.07 29.57
C LEU D 250 0.91 -2.93 30.83
N GLN D 251 1.06 -2.31 31.99
CA GLN D 251 0.88 -2.95 33.31
C GLN D 251 -0.48 -2.51 33.88
N THR D 252 -0.84 -1.22 33.78
CA THR D 252 -2.16 -0.73 34.30
C THR D 252 -2.82 0.19 33.28
N ILE D 253 -4.15 0.13 33.26
CA ILE D 253 -5.01 1.09 32.53
C ILE D 253 -6.20 1.42 33.45
N THR D 254 -6.42 2.71 33.65
CA THR D 254 -7.54 3.27 34.42
C THR D 254 -8.31 4.17 33.47
N LEU D 255 -9.61 3.96 33.28
CA LEU D 255 -10.48 4.87 32.51
C LEU D 255 -11.59 5.38 33.42
N ASP D 256 -11.78 6.70 33.44
CA ASP D 256 -13.01 7.35 33.95
C ASP D 256 -13.88 7.75 32.75
N TYR D 257 -15.09 7.21 32.69
CA TYR D 257 -16.09 7.47 31.63
C TYR D 257 -16.92 8.69 32.05
N ARG D 258 -17.23 9.55 31.08
CA ARG D 258 -18.15 10.71 31.27
C ARG D 258 -19.35 10.54 30.36
N ARG D 259 -19.12 10.30 29.06
CA ARG D 259 -20.19 10.15 28.04
C ARG D 259 -19.97 8.90 27.20
N GLU D 260 -21.06 8.40 26.60
CA GLU D 260 -21.03 7.38 25.53
C GLU D 260 -20.65 8.08 24.23
N CYS D 261 -19.71 7.50 23.48
CA CYS D 261 -19.51 7.86 22.06
C CYS D 261 -20.72 7.31 21.30
N GLN D 262 -21.35 8.13 20.44
CA GLN D 262 -22.47 7.71 19.56
C GLN D 262 -21.87 7.14 18.27
N HIS D 263 -22.64 6.34 17.53
CA HIS D 263 -22.17 5.56 16.36
C HIS D 263 -21.60 6.46 15.26
N ASP D 264 -22.06 7.72 15.14
CA ASP D 264 -21.54 8.68 14.12
C ASP D 264 -20.81 9.86 14.80
N ASP D 265 -20.25 9.66 15.99
CA ASP D 265 -19.38 10.66 16.68
C ASP D 265 -17.95 10.56 16.12
N ILE D 266 -17.23 11.67 16.13
CA ILE D 266 -15.79 11.73 15.74
C ILE D 266 -14.98 12.14 16.97
N VAL D 267 -13.89 11.43 17.25
CA VAL D 267 -13.21 11.42 18.57
C VAL D 267 -11.71 11.65 18.39
N ASP D 268 -11.13 12.48 19.27
CA ASP D 268 -9.66 12.68 19.37
C ASP D 268 -9.14 12.00 20.64
N SER D 269 -8.12 11.17 20.49
CA SER D 269 -7.42 10.47 21.59
C SER D 269 -6.12 11.20 21.87
N LEU D 270 -6.00 11.84 23.04
CA LEU D 270 -4.82 12.66 23.43
C LEU D 270 -4.03 11.92 24.52
N SER D 271 -2.71 12.13 24.57
CA SER D 271 -1.88 11.60 25.68
C SER D 271 -0.70 12.53 25.95
N SER D 272 -0.26 12.57 27.21
CA SER D 272 1.03 13.15 27.66
C SER D 272 1.59 12.25 28.77
N ARG D 273 2.92 12.20 28.88
CA ARG D 273 3.62 11.57 30.02
C ARG D 273 3.35 12.38 31.29
N GLU D 274 3.24 11.73 32.45
CA GLU D 274 3.22 12.37 33.79
C GLU D 274 4.29 11.71 34.67
N GLY D 291 12.88 1.84 34.30
CA GLY D 291 12.26 1.16 33.14
C GLY D 291 10.74 1.25 33.21
N GLU D 292 10.22 2.45 33.50
CA GLU D 292 8.78 2.72 33.79
C GLU D 292 8.38 4.05 33.15
N CYS D 293 7.17 4.12 32.60
CA CYS D 293 6.57 5.41 32.20
C CYS D 293 5.06 5.35 32.43
N GLN D 294 4.49 6.50 32.75
CA GLN D 294 3.03 6.75 32.90
C GLN D 294 2.59 7.79 31.86
N PHE D 295 1.39 7.59 31.31
CA PHE D 295 0.72 8.54 30.38
C PHE D 295 -0.66 8.89 30.96
N LEU D 296 -1.03 10.18 30.89
CA LEU D 296 -2.43 10.64 31.02
C LEU D 296 -3.08 10.55 29.64
N HIS D 297 -4.38 10.28 29.62
CA HIS D 297 -5.18 10.13 28.39
C HIS D 297 -6.45 10.97 28.50
N PHE D 298 -6.92 11.46 27.36
CA PHE D 298 -8.15 12.26 27.23
C PHE D 298 -8.78 11.94 25.87
N LEU D 299 -9.99 11.39 25.87
CA LEU D 299 -10.86 11.21 24.67
C LEU D 299 -11.89 12.33 24.65
N LYS D 300 -11.93 13.12 23.57
CA LYS D 300 -12.82 14.28 23.42
C LYS D 300 -13.46 14.26 22.02
N LEU D 301 -14.66 14.81 21.92
CA LEU D 301 -15.38 14.96 20.63
C LEU D 301 -14.67 16.02 19.80
N SER D 302 -14.34 15.69 18.55
CA SER D 302 -13.68 16.59 17.56
C SER D 302 -14.46 17.92 17.43
N GLY D 303 -15.78 17.87 17.24
CA GLY D 303 -16.63 19.06 17.11
C GLY D 303 -16.55 19.98 18.33
N SER D 304 -17.10 19.52 19.45
CA SER D 304 -17.43 20.32 20.65
C SER D 304 -16.28 20.40 21.67
N GLY D 305 -15.33 19.47 21.60
CA GLY D 305 -14.26 19.30 22.60
C GLY D 305 -14.75 18.64 23.90
N LEU D 306 -15.99 18.15 23.96
CA LEU D 306 -16.58 17.54 25.19
C LEU D 306 -15.90 16.20 25.51
N GLU D 307 -15.62 15.98 26.80
CA GLU D 307 -14.95 14.76 27.32
C GLU D 307 -15.85 13.55 27.03
N ILE D 308 -15.27 12.51 26.41
CA ILE D 308 -15.87 11.14 26.34
C ILE D 308 -15.40 10.42 27.59
N ASN D 309 -14.08 10.32 27.77
CA ASN D 309 -13.45 9.78 29.00
C ASN D 309 -12.01 10.26 29.13
N ARG D 310 -11.37 9.88 30.22
CA ARG D 310 -9.95 10.19 30.51
C ARG D 310 -9.32 8.92 31.10
N GLY D 311 -8.01 8.88 31.14
CA GLY D 311 -7.30 7.62 31.45
C GLY D 311 -5.90 7.86 31.93
N ARG D 312 -5.35 6.83 32.56
CA ARG D 312 -3.93 6.71 32.93
C ARG D 312 -3.48 5.32 32.47
N THR D 313 -2.33 5.24 31.80
CA THR D 313 -1.62 3.96 31.52
C THR D 313 -0.26 3.96 32.20
N GLN D 314 0.18 2.79 32.67
CA GLN D 314 1.53 2.53 33.25
C GLN D 314 2.19 1.39 32.47
N TRP D 315 3.43 1.61 32.08
CA TRP D 315 4.19 0.75 31.13
C TRP D 315 5.47 0.26 31.79
N ARG D 316 5.89 -0.95 31.45
CA ARG D 316 7.14 -1.57 31.95
C ARG D 316 7.99 -1.92 30.73
N ARG D 317 9.30 -1.71 30.86
CA ARG D 317 10.29 -2.00 29.79
C ARG D 317 10.35 -3.52 29.63
N LEU D 318 10.33 -3.96 28.38
CA LEU D 318 10.56 -5.36 27.98
C LEU D 318 12.06 -5.50 27.73
N ALA D 319 12.72 -6.42 28.45
CA ALA D 319 14.20 -6.65 28.38
C ALA D 319 14.50 -7.76 27.38
N LYS D 320 13.46 -8.46 26.92
CA LYS D 320 13.57 -9.61 25.97
C LYS D 320 12.25 -9.76 25.23
C1 WOX E . 24.16 -0.08 -25.36
C2 WOX E . 24.40 0.80 -26.56
C3 WOX E . 23.79 2.02 -26.68
C4 WOX E . 24.09 2.71 -27.81
C6 WOX E . 25.23 0.49 -27.60
C11 WOX E . 27.85 -3.10 -29.82
C17 WOX E . 32.93 -3.29 -27.42
S5 WOX E . 25.25 1.81 -28.81
C7 WOX E . 26.02 -0.72 -27.78
N8 WOX E . 26.11 -1.75 -27.01
O9 WOX E . 27.01 -2.77 -27.52
C10 WOX E . 27.78 -2.18 -28.58
C12 WOX E . 29.20 -3.83 -29.91
C13 WOX E . 30.28 -2.77 -30.00
N14 WOX E . 30.26 -1.95 -28.81
C15 WOX E . 31.57 -1.38 -28.40
C16 WOX E . 32.30 -2.04 -27.27
F18 WOX E . 32.88 -3.97 -28.61
C19 WOX E . 33.64 -3.83 -26.32
C20 WOX E . 33.72 -3.12 -25.12
C21 WOX E . 33.12 -1.88 -25.00
C22 WOX E . 32.43 -1.35 -26.09
F23 WOX E . 31.82 -0.14 -25.97
C24 WOX E . 29.14 -1.68 -28.13
O25 WOX E . 29.24 -0.97 -27.14
C26 WOX E . 26.88 -1.00 -28.99
C1 WOX F . 6.83 16.87 -3.41
C2 WOX F . 5.32 16.77 -3.59
C3 WOX F . 4.67 15.60 -3.92
C4 WOX F . 3.34 15.70 -4.05
C6 WOX F . 4.47 17.82 -3.46
C11 WOX F . 4.21 22.31 -1.23
C17 WOX F . 6.80 21.37 3.56
S5 WOX F . 2.77 17.31 -3.70
C7 WOX F . 4.90 19.17 -3.04
N8 WOX F . 6.02 19.77 -3.14
O9 WOX F . 5.98 21.07 -2.50
C10 WOX F . 4.95 21.00 -1.48
C12 WOX F . 4.19 22.68 0.26
C13 WOX F . 3.83 21.48 1.13
N14 WOX F . 4.91 20.53 1.00
C15 WOX F . 5.32 19.81 2.23
C16 WOX F . 6.67 20.20 2.82
F18 WOX F . 5.78 22.22 3.73
C19 WOX F . 8.02 21.69 4.12
C20 WOX F . 9.11 20.86 3.96
C21 WOX F . 8.99 19.70 3.23
C22 WOX F . 7.77 19.35 2.68
F23 WOX F . 7.69 18.18 1.97
C24 WOX F . 5.43 20.30 -0.22
O25 WOX F . 6.32 19.50 -0.34
C26 WOX F . 3.99 20.05 -2.22
C1 WOX G . -2.99 -21.40 9.20
C2 WOX G . -2.31 -20.50 8.21
C3 WOX G . -1.49 -19.53 8.68
C4 WOX G . -0.92 -18.76 7.76
C6 WOX G . -2.45 -20.56 6.83
C11 WOX G . -3.58 -23.77 3.07
C17 WOX G . -1.68 -28.49 5.00
S5 WOX G . -1.41 -19.31 6.16
C7 WOX G . -3.21 -21.52 5.95
N8 WOX G . -4.36 -22.10 6.13
O9 WOX G . -4.69 -23.00 5.02
C10 WOX G . -3.42 -23.39 4.50
C12 WOX G . -2.16 -23.97 2.51
C13 WOX G . -1.47 -25.15 3.19
N14 WOX G . -1.68 -25.19 4.64
C15 WOX G . -0.86 -26.15 5.39
C16 WOX G . -1.48 -27.44 5.87
F18 WOX G . -1.32 -28.32 3.70
C19 WOX G . -2.20 -29.70 5.44
C20 WOX G . -2.54 -29.87 6.77
C21 WOX G . -2.35 -28.82 7.65
C22 WOX G . -1.81 -27.61 7.20
F23 WOX G . -1.64 -26.58 8.07
C24 WOX G . -2.59 -24.42 5.25
O25 WOX G . -2.72 -24.52 6.43
C26 WOX G . -2.68 -22.05 4.62
C1 WOX H . -19.45 -7.03 33.55
C2 WOX H . -20.72 -6.35 33.10
C3 WOX H . -21.15 -6.39 31.81
C4 WOX H . -22.30 -5.70 31.56
C6 WOX H . -21.56 -5.59 33.89
C11 WOX H . -22.58 -3.82 38.39
C17 WOX H . -24.45 -8.09 41.27
S5 WOX H . -22.98 -4.90 32.99
C7 WOX H . -21.40 -5.37 35.34
N8 WOX H . -20.46 -5.72 36.20
O9 WOX H . -20.78 -5.28 37.56
C10 WOX H . -22.19 -5.02 37.54
C12 WOX H . -23.13 -4.29 39.72
C13 WOX H . -24.38 -5.05 39.38
N14 WOX H . -24.01 -6.25 38.67
C15 WOX H . -24.87 -7.41 38.88
C16 WOX H . -24.47 -8.41 39.94
F18 WOX H . -24.79 -6.85 41.69
C19 WOX H . -24.11 -9.07 42.19
C20 WOX H . -23.83 -10.37 41.75
C21 WOX H . -23.83 -10.67 40.40
C22 WOX H . -24.17 -9.69 39.52
F23 WOX H . -24.22 -9.95 38.21
C24 WOX H . -23.00 -6.26 37.79
O25 WOX H . -22.76 -7.28 37.16
C26 WOX H . -22.47 -4.60 36.10
#